data_5QJ6
#
_entry.id   5QJ6
#
_cell.length_a   49.250
_cell.length_b   59.780
_cell.length_c   80.090
_cell.angle_alpha   79.420
_cell.angle_beta   81.680
_cell.angle_gamma   75.640
#
_symmetry.space_group_name_H-M   'P 1'
#
loop_
_entity.id
_entity.type
_entity.pdbx_description
1 polymer 'ADP-sugar pyrophosphatase'
2 non-polymer 'MAGNESIUM ION'
3 non-polymer 1,2-ETHANEDIOL
4 non-polymer 'methyl (2~{S},4~{R})-1-(furan-2-ylcarbonyl)-4-oxidanyl-pyrrolidine-2-carboxylate'
5 water water
#
_entity_poly.entity_id   1
_entity_poly.type   'polypeptide(L)'
_entity_poly.pdbx_seq_one_letter_code
;SMESQEPTESSQNGKQYIISEELISEGKWVKLEKTTYMDPTGKTRTWESVKRTTRKEQTADGVAVIPVLQRTLHYECIVL
VKQFRPPMGGYCIEFPAGLIDDGETPEAAALRELEEETGYKGDIAECSPAVCMDPGLSNCTIHIVTVTINGDDAENARPK
PKPGDGEFVEVISLPKNDLLQRLDALVAEEHLTVDARVYSYALALKHAN
;
_entity_poly.pdbx_strand_id   A,B,C,D
#
loop_
_chem_comp.id
_chem_comp.type
_chem_comp.name
_chem_comp.formula
EDO non-polymer 1,2-ETHANEDIOL 'C2 H6 O2'
GQJ non-polymer 'methyl (2~{S},4~{R})-1-(furan-2-ylcarbonyl)-4-oxidanyl-pyrrolidine-2-carboxylate' 'C11 H13 N O5'
MG non-polymer 'MAGNESIUM ION' 'Mg 2'
#
# COMPACT_ATOMS: atom_id res chain seq x y z
N LYS A 15 -9.50 42.81 17.03
CA LYS A 15 -8.51 43.73 17.65
C LYS A 15 -7.42 44.13 16.60
N GLN A 16 -6.91 43.20 15.79
CA GLN A 16 -5.84 43.53 14.82
C GLN A 16 -6.34 43.80 13.43
N TYR A 17 -5.65 44.71 12.73
CA TYR A 17 -6.08 45.12 11.37
C TYR A 17 -4.94 45.77 10.63
N ILE A 18 -5.16 45.90 9.34
CA ILE A 18 -4.22 46.48 8.40
C ILE A 18 -4.41 47.97 8.48
N ILE A 19 -3.30 48.69 8.57
CA ILE A 19 -3.22 50.15 8.46
C ILE A 19 -2.83 50.61 7.08
N SER A 20 -1.79 50.02 6.50
CA SER A 20 -1.39 50.37 5.14
C SER A 20 -0.64 49.24 4.48
N GLU A 21 -0.68 49.22 3.15
CA GLU A 21 0.07 48.29 2.31
C GLU A 21 0.88 49.12 1.28
N GLU A 22 2.19 49.14 1.43
CA GLU A 22 3.12 49.93 0.62
C GLU A 22 3.80 48.98 -0.35
N LEU A 23 3.68 49.25 -1.66
CA LEU A 23 4.33 48.44 -2.65
C LEU A 23 5.87 48.57 -2.49
N ILE A 24 6.57 47.46 -2.44
CA ILE A 24 8.03 47.44 -2.47
C ILE A 24 8.54 47.13 -3.88
N SER A 25 8.09 46.04 -4.49
CA SER A 25 8.54 45.63 -5.82
C SER A 25 7.48 44.82 -6.50
N GLU A 26 7.17 45.10 -7.75
CA GLU A 26 6.09 44.46 -8.49
C GLU A 26 6.67 43.85 -9.76
N GLY A 27 6.59 42.52 -9.89
CA GLY A 27 6.76 41.83 -11.14
C GLY A 27 5.51 41.71 -11.96
N LYS A 28 5.59 40.87 -12.99
CA LYS A 28 4.44 40.55 -13.83
C LYS A 28 3.42 39.68 -13.11
N TRP A 29 3.93 38.82 -12.20
CA TRP A 29 3.13 37.83 -11.52
C TRP A 29 3.04 37.91 -9.99
N VAL A 30 4.08 38.45 -9.34
CA VAL A 30 4.24 38.48 -7.90
C VAL A 30 4.74 39.87 -7.49
N LYS A 31 4.21 40.40 -6.39
CA LYS A 31 4.72 41.58 -5.77
C LYS A 31 5.04 41.40 -4.29
N LEU A 32 5.94 42.22 -3.78
CA LEU A 32 6.28 42.30 -2.38
C LEU A 32 5.78 43.62 -1.79
N GLU A 33 5.16 43.55 -0.62
CA GLU A 33 4.59 44.73 0.06
C GLU A 33 5.13 44.86 1.46
N LYS A 34 5.22 46.14 1.90
CA LYS A 34 5.48 46.48 3.30
C LYS A 34 4.10 46.68 3.96
N THR A 35 3.73 45.79 4.84
CA THR A 35 2.40 45.84 5.44
C THR A 35 2.51 46.45 6.83
N THR A 36 1.71 47.47 7.12
CA THR A 36 1.67 48.06 8.46
C THR A 36 0.34 47.68 9.04
N TYR A 37 0.38 47.15 10.25
CA TYR A 37 -0.81 46.74 10.96
C TYR A 37 -0.78 47.07 12.44
N MET A 38 -1.97 46.99 13.03
CA MET A 38 -2.16 47.28 14.45
C MET A 38 -2.11 45.99 15.25
N ASP A 39 -1.20 45.96 16.21
CA ASP A 39 -1.09 44.76 17.08
C ASP A 39 -2.13 44.85 18.20
N PRO A 40 -2.37 43.75 18.91
CA PRO A 40 -3.46 43.77 19.86
C PRO A 40 -3.17 44.51 21.18
N THR A 41 -1.92 44.95 21.41
CA THR A 41 -1.59 45.94 22.50
C THR A 41 -1.87 47.41 22.12
N GLY A 42 -2.30 47.68 20.89
CA GLY A 42 -2.45 49.03 20.36
C GLY A 42 -1.23 49.64 19.67
N LYS A 43 -0.19 48.84 19.48
CA LYS A 43 1.06 49.25 18.83
C LYS A 43 1.12 48.84 17.33
N THR A 44 1.68 49.76 16.54
CA THR A 44 1.82 49.72 15.09
C THR A 44 3.08 48.81 14.80
N ARG A 45 2.95 47.78 13.97
CA ARG A 45 4.09 46.97 13.49
C ARG A 45 4.04 46.76 11.96
N THR A 46 5.14 46.23 11.41
CA THR A 46 5.23 45.98 9.97
C THR A 46 5.54 44.49 9.68
N TRP A 47 5.28 44.13 8.45
CA TRP A 47 5.46 42.77 8.00
C TRP A 47 5.85 42.86 6.51
N GLU A 48 6.65 41.95 6.02
CA GLU A 48 6.91 41.86 4.58
C GLU A 48 5.99 40.82 3.97
N SER A 49 5.17 41.21 3.02
CA SER A 49 4.07 40.38 2.52
C SER A 49 4.25 40.17 1.05
N VAL A 50 3.99 38.94 0.62
CA VAL A 50 3.91 38.57 -0.81
C VAL A 50 2.48 38.45 -1.29
N LYS A 51 2.23 38.97 -2.47
CA LYS A 51 0.97 38.75 -3.14
C LYS A 51 1.09 38.45 -4.63
N ARG A 52 0.11 37.77 -5.23
CA ARG A 52 0.11 37.64 -6.68
C ARG A 52 -0.49 38.93 -7.29
N THR A 53 -0.09 39.27 -8.51
CA THR A 53 -0.69 40.36 -9.28
C THR A 53 -1.89 39.98 -10.16
N THR A 54 -2.24 38.71 -10.15
CA THR A 54 -3.17 38.13 -11.07
C THR A 54 -4.58 37.97 -10.48
N ARG A 55 -4.85 38.35 -9.24
CA ARG A 55 -6.11 38.03 -8.61
C ARG A 55 -7.08 39.14 -8.92
N LYS A 56 -8.21 38.84 -9.52
CA LYS A 56 -9.19 39.87 -9.89
C LYS A 56 -10.39 39.75 -8.98
N GLU A 57 -11.50 39.23 -9.48
CA GLU A 57 -12.68 38.94 -8.66
C GLU A 57 -12.76 37.45 -8.22
N GLN A 58 -11.78 36.61 -8.58
CA GLN A 58 -11.76 35.24 -8.09
C GLN A 58 -11.89 35.22 -6.55
N THR A 59 -12.57 34.21 -6.04
CA THR A 59 -12.69 34.03 -4.60
C THR A 59 -11.39 33.47 -3.98
N ALA A 60 -10.43 33.11 -4.85
CA ALA A 60 -9.11 32.68 -4.46
C ALA A 60 -8.22 32.77 -5.68
N ASP A 61 -6.92 32.70 -5.47
CA ASP A 61 -6.00 32.64 -6.56
C ASP A 61 -6.14 31.43 -7.47
N GLY A 62 -6.30 30.26 -6.84
CA GLY A 62 -6.14 29.03 -7.54
C GLY A 62 -7.03 27.93 -6.96
N VAL A 63 -6.93 26.77 -7.57
CA VAL A 63 -7.55 25.56 -7.10
C VAL A 63 -6.46 24.51 -6.98
N ALA A 64 -6.69 23.58 -6.07
CA ALA A 64 -5.94 22.30 -6.06
C ALA A 64 -7.01 21.18 -6.02
N VAL A 65 -6.80 20.14 -6.80
CA VAL A 65 -7.76 19.09 -7.01
C VAL A 65 -7.33 17.82 -6.25
N ILE A 66 -8.22 17.31 -5.41
CA ILE A 66 -8.04 16.01 -4.82
C ILE A 66 -8.82 14.99 -5.68
N PRO A 67 -8.13 14.27 -6.54
CA PRO A 67 -8.80 13.47 -7.58
C PRO A 67 -8.77 12.01 -7.17
N VAL A 68 -9.94 11.52 -6.80
CA VAL A 68 -10.09 10.14 -6.31
C VAL A 68 -10.51 9.27 -7.45
N LEU A 69 -9.58 8.48 -7.95
CA LEU A 69 -9.82 7.65 -9.09
C LEU A 69 -10.44 6.38 -8.62
N GLN A 70 -11.63 6.06 -9.17
CA GLN A 70 -12.47 4.92 -8.68
C GLN A 70 -12.70 4.02 -9.85
N ARG A 71 -12.43 2.72 -9.66
CA ARG A 71 -12.54 1.75 -10.74
C ARG A 71 -12.94 0.47 -10.15
N THR A 72 -13.84 -0.22 -10.84
CA THR A 72 -14.32 -1.53 -10.36
C THR A 72 -13.15 -2.50 -10.17
N LEU A 73 -13.14 -3.11 -9.02
CA LEU A 73 -12.20 -4.19 -8.56
C LEU A 73 -10.75 -3.66 -8.45
N HIS A 74 -10.67 -2.36 -8.21
CA HIS A 74 -9.39 -1.63 -7.92
C HIS A 74 -9.56 -0.87 -6.65
N TYR A 75 -8.44 -0.74 -5.90
CA TYR A 75 -8.44 0.11 -4.78
C TYR A 75 -8.44 1.58 -5.36
N GLU A 76 -9.06 2.45 -4.62
CA GLU A 76 -9.17 3.92 -4.97
C GLU A 76 -7.80 4.47 -4.99
N CYS A 77 -7.52 5.32 -5.99
CA CYS A 77 -6.20 5.98 -6.06
C CYS A 77 -6.36 7.45 -5.96
N ILE A 78 -5.29 8.09 -5.53
CA ILE A 78 -5.21 9.57 -5.49
C ILE A 78 -4.35 9.92 -6.65
N VAL A 79 -4.82 10.79 -7.53
CA VAL A 79 -4.08 11.12 -8.74
C VAL A 79 -3.24 12.39 -8.45
N LEU A 80 -1.94 12.25 -8.64
CA LEU A 80 -0.97 13.32 -8.31
C LEU A 80 -0.20 13.69 -9.55
N VAL A 81 0.43 14.84 -9.53
CA VAL A 81 1.27 15.23 -10.67
C VAL A 81 2.66 15.62 -10.23
N LYS A 82 3.63 15.37 -11.10
CA LYS A 82 5.05 15.69 -10.84
C LYS A 82 5.48 16.65 -11.96
N GLN A 83 6.13 17.75 -11.59
CA GLN A 83 6.53 18.79 -12.52
C GLN A 83 7.75 19.45 -11.94
N PHE A 84 8.49 20.08 -12.82
CA PHE A 84 9.58 20.92 -12.36
C PHE A 84 9.01 22.26 -11.94
N ARG A 85 9.45 22.70 -10.79
CA ARG A 85 9.05 23.95 -10.18
C ARG A 85 10.25 24.86 -10.06
N PRO A 86 10.29 25.89 -10.88
CA PRO A 86 11.46 26.77 -10.81
C PRO A 86 11.75 27.36 -9.46
N PRO A 87 10.72 27.83 -8.69
CA PRO A 87 11.06 28.33 -7.36
C PRO A 87 11.79 27.38 -6.45
N MET A 88 11.52 26.09 -6.62
CA MET A 88 12.11 25.09 -5.82
C MET A 88 13.43 24.56 -6.38
N GLY A 89 13.72 24.87 -7.66
CA GLY A 89 14.87 24.30 -8.39
C GLY A 89 14.87 22.78 -8.53
N GLY A 90 13.70 22.18 -8.74
CA GLY A 90 13.57 20.75 -8.64
C GLY A 90 12.12 20.31 -8.86
N TYR A 91 11.96 19.00 -8.98
CA TYR A 91 10.69 18.33 -9.18
C TYR A 91 9.86 18.18 -7.91
N CYS A 92 8.56 18.42 -8.04
CA CYS A 92 7.66 18.34 -6.91
C CYS A 92 6.51 17.47 -7.25
N ILE A 93 5.98 16.78 -6.24
CA ILE A 93 4.77 15.96 -6.41
C ILE A 93 3.64 16.68 -5.68
N GLU A 94 2.56 16.97 -6.41
CA GLU A 94 1.48 17.83 -5.91
C GLU A 94 0.11 17.30 -6.35
N PHE A 95 -0.95 17.81 -5.71
CA PHE A 95 -2.28 17.66 -6.30
C PHE A 95 -2.27 18.48 -7.59
N PRO A 96 -2.98 18.03 -8.66
CA PRO A 96 -3.25 18.87 -9.80
C PRO A 96 -3.84 20.22 -9.37
N ALA A 97 -3.42 21.29 -10.01
CA ALA A 97 -3.69 22.60 -9.56
C ALA A 97 -3.40 23.62 -10.62
N GLY A 98 -4.05 24.77 -10.47
CA GLY A 98 -3.77 25.94 -11.28
C GLY A 98 -4.54 27.14 -10.83
N LEU A 99 -4.22 28.28 -11.45
CA LEU A 99 -4.90 29.50 -11.09
C LEU A 99 -6.30 29.53 -11.74
N ILE A 100 -7.23 30.24 -11.13
CA ILE A 100 -8.58 30.32 -11.60
C ILE A 100 -8.60 31.44 -12.62
N ASP A 101 -9.13 31.17 -13.81
CA ASP A 101 -9.17 32.25 -14.89
C ASP A 101 -10.22 33.27 -14.46
N ASP A 102 -10.13 34.52 -14.93
CA ASP A 102 -11.15 35.55 -14.60
C ASP A 102 -12.53 35.05 -15.05
N GLY A 103 -13.51 35.11 -14.18
CA GLY A 103 -14.86 34.72 -14.47
C GLY A 103 -15.10 33.24 -14.36
N GLU A 104 -14.05 32.46 -14.12
CA GLU A 104 -14.19 31.04 -14.02
C GLU A 104 -14.62 30.68 -12.57
N THR A 105 -15.44 29.66 -12.41
CA THR A 105 -15.79 29.22 -11.05
C THR A 105 -14.64 28.32 -10.48
N PRO A 106 -14.52 28.24 -9.16
CA PRO A 106 -13.51 27.21 -8.67
C PRO A 106 -13.74 25.80 -9.21
N GLU A 107 -14.96 25.33 -9.22
CA GLU A 107 -15.28 24.00 -9.79
C GLU A 107 -14.86 23.78 -11.22
N ALA A 108 -15.25 24.70 -12.07
CA ALA A 108 -14.85 24.69 -13.48
C ALA A 108 -13.30 24.69 -13.60
N ALA A 109 -12.60 25.54 -12.83
CA ALA A 109 -11.14 25.60 -12.88
C ALA A 109 -10.56 24.25 -12.49
N ALA A 110 -11.10 23.66 -11.42
CA ALA A 110 -10.64 22.30 -10.93
C ALA A 110 -10.80 21.25 -11.99
N LEU A 111 -12.00 21.13 -12.53
CA LEU A 111 -12.22 20.13 -13.61
C LEU A 111 -11.36 20.41 -14.82
N ARG A 112 -11.18 21.67 -15.18
CA ARG A 112 -10.37 21.99 -16.33
C ARG A 112 -8.89 21.67 -16.08
N GLU A 113 -8.36 22.13 -14.97
CA GLU A 113 -6.95 21.81 -14.66
C GLU A 113 -6.69 20.32 -14.52
N LEU A 114 -7.63 19.58 -13.90
CA LEU A 114 -7.47 18.16 -13.81
C LEU A 114 -7.38 17.52 -15.18
N GLU A 115 -8.27 17.93 -16.09
CA GLU A 115 -8.18 17.36 -17.43
C GLU A 115 -6.88 17.78 -18.11
N GLU A 116 -6.53 19.05 -18.04
CA GLU A 116 -5.31 19.56 -18.70
C GLU A 116 -4.07 18.84 -18.23
N GLU A 117 -3.99 18.64 -16.93
CA GLU A 117 -2.76 18.11 -16.33
C GLU A 117 -2.70 16.58 -16.35
N THR A 118 -3.85 15.91 -16.25
CA THR A 118 -3.91 14.45 -16.11
C THR A 118 -4.58 13.73 -17.26
N GLY A 119 -5.40 14.42 -18.04
CA GLY A 119 -6.28 13.75 -18.99
C GLY A 119 -7.61 13.26 -18.46
N TYR A 120 -7.76 13.13 -17.13
CA TYR A 120 -8.99 12.67 -16.60
C TYR A 120 -10.12 13.70 -16.53
N LYS A 121 -11.32 13.18 -16.81
CA LYS A 121 -12.53 13.92 -16.67
C LYS A 121 -13.23 13.57 -15.41
N GLY A 122 -13.19 14.46 -14.44
CA GLY A 122 -13.75 14.15 -13.13
C GLY A 122 -15.17 14.58 -12.93
N ASP A 123 -15.72 14.24 -11.78
CA ASP A 123 -17.05 14.75 -11.28
C ASP A 123 -16.86 15.46 -10.01
N ILE A 124 -17.39 16.68 -9.88
CA ILE A 124 -17.28 17.40 -8.64
C ILE A 124 -17.87 16.60 -7.43
N ALA A 125 -17.14 16.56 -6.32
CA ALA A 125 -17.66 16.00 -5.02
C ALA A 125 -17.89 17.05 -4.03
N GLU A 126 -16.89 17.90 -3.80
CA GLU A 126 -16.98 18.97 -2.78
C GLU A 126 -16.02 20.07 -3.17
N CYS A 127 -16.25 21.21 -2.61
CA CYS A 127 -15.44 22.42 -2.82
C CYS A 127 -15.28 23.19 -1.52
N SER A 128 -14.02 23.41 -1.11
CA SER A 128 -13.72 24.06 0.14
C SER A 128 -13.99 25.52 0.02
N PRO A 129 -14.16 26.20 1.16
CA PRO A 129 -13.90 27.64 1.18
C PRO A 129 -12.43 27.95 0.78
N ALA A 130 -12.17 29.22 0.46
CA ALA A 130 -10.83 29.66 0.23
C ALA A 130 -9.94 29.40 1.42
N VAL A 131 -8.83 28.70 1.17
CA VAL A 131 -7.86 28.34 2.25
C VAL A 131 -6.51 28.92 1.93
N CYS A 132 -5.73 29.26 2.95
CA CYS A 132 -4.46 30.02 2.76
C CYS A 132 -3.27 29.08 2.58
N MET A 133 -2.46 29.43 1.61
CA MET A 133 -1.31 28.67 1.23
C MET A 133 -0.11 28.77 2.17
N ASP A 134 0.19 29.97 2.69
CA ASP A 134 1.34 30.17 3.55
C ASP A 134 1.17 31.56 4.21
N PRO A 135 0.25 31.65 5.20
CA PRO A 135 -0.33 32.90 5.61
C PRO A 135 0.64 33.80 6.37
N GLY A 136 1.72 33.27 6.93
CA GLY A 136 2.83 34.15 7.43
C GLY A 136 3.70 34.85 6.37
N LEU A 137 3.54 34.46 5.12
CA LEU A 137 4.33 34.96 4.00
C LEU A 137 3.50 35.68 2.92
N SER A 138 2.42 35.06 2.52
CA SER A 138 1.62 35.51 1.40
C SER A 138 0.13 35.59 1.67
N ASN A 139 -0.56 36.30 0.81
CA ASN A 139 -2.03 36.29 0.87
C ASN A 139 -2.63 35.18 -0.03
N CYS A 140 -1.84 34.32 -0.62
CA CYS A 140 -2.34 33.38 -1.60
C CYS A 140 -3.32 32.41 -1.01
N THR A 141 -4.34 32.16 -1.81
CA THR A 141 -5.40 31.26 -1.37
C THR A 141 -5.78 30.36 -2.55
N ILE A 142 -6.31 29.18 -2.17
CA ILE A 142 -6.96 28.25 -3.09
C ILE A 142 -8.27 27.76 -2.59
N HIS A 143 -9.08 27.22 -3.51
CA HIS A 143 -10.12 26.24 -3.16
C HIS A 143 -9.56 24.84 -3.39
N ILE A 144 -9.77 23.97 -2.41
CA ILE A 144 -9.47 22.59 -2.51
C ILE A 144 -10.73 21.88 -2.95
N VAL A 145 -10.68 21.36 -4.14
CA VAL A 145 -11.88 20.73 -4.81
C VAL A 145 -11.68 19.25 -4.91
N THR A 146 -12.53 18.50 -4.24
CA THR A 146 -12.54 17.03 -4.28
C THR A 146 -13.35 16.62 -5.46
N VAL A 147 -12.78 15.75 -6.30
CA VAL A 147 -13.41 15.29 -7.54
C VAL A 147 -13.23 13.79 -7.54
N THR A 148 -14.26 13.04 -7.94
CA THR A 148 -14.16 11.64 -8.20
C THR A 148 -13.97 11.42 -9.71
N ILE A 149 -13.16 10.45 -10.09
CA ILE A 149 -12.96 10.12 -11.45
C ILE A 149 -13.51 8.70 -11.65
N ASN A 150 -14.40 8.52 -12.64
CA ASN A 150 -14.98 7.21 -12.90
C ASN A 150 -14.01 6.61 -13.87
N GLY A 151 -13.09 5.78 -13.35
CA GLY A 151 -12.11 5.16 -14.20
C GLY A 151 -12.67 4.01 -15.04
N ASP A 152 -13.91 3.61 -14.82
CA ASP A 152 -14.59 2.61 -15.71
C ASP A 152 -15.27 3.25 -16.94
N ASP A 153 -15.44 4.58 -16.92
CA ASP A 153 -15.90 5.28 -18.12
C ASP A 153 -14.85 5.29 -19.22
N ALA A 154 -15.27 5.07 -20.46
CA ALA A 154 -14.35 5.00 -21.61
C ALA A 154 -13.58 6.32 -21.84
N GLU A 155 -14.18 7.47 -21.46
CA GLU A 155 -13.49 8.78 -21.49
C GLU A 155 -12.18 8.77 -20.69
N ASN A 156 -12.10 7.94 -19.67
CA ASN A 156 -10.99 7.98 -18.77
C ASN A 156 -10.14 6.75 -18.91
N ALA A 157 -10.21 6.11 -20.09
CA ALA A 157 -9.55 4.82 -20.34
C ALA A 157 -8.12 5.09 -20.72
N ARG A 158 -7.89 5.97 -21.70
CA ARG A 158 -6.56 6.23 -22.22
C ARG A 158 -6.28 7.74 -22.06
N PRO A 159 -6.30 8.25 -20.81
CA PRO A 159 -6.29 9.68 -20.56
C PRO A 159 -4.97 10.35 -20.99
N LYS A 160 -5.03 11.37 -21.84
CA LYS A 160 -3.85 12.13 -22.31
C LYS A 160 -3.81 13.58 -21.76
N PRO A 161 -2.81 13.93 -20.93
CA PRO A 161 -2.59 15.37 -20.59
C PRO A 161 -2.74 16.33 -21.81
N LYS A 162 -3.44 17.45 -21.64
CA LYS A 162 -3.40 18.60 -22.60
C LYS A 162 -2.61 19.76 -21.97
N PRO A 163 -1.28 19.57 -21.79
CA PRO A 163 -0.49 20.64 -21.17
C PRO A 163 -0.46 21.94 -22.00
N GLY A 164 -0.65 23.07 -21.33
CA GLY A 164 -0.56 24.39 -21.99
C GLY A 164 0.88 24.70 -22.34
N ASP A 165 1.15 25.94 -22.74
CA ASP A 165 2.51 26.28 -23.19
C ASP A 165 3.49 26.27 -21.98
N GLY A 166 4.64 25.62 -22.12
CA GLY A 166 5.58 25.52 -20.99
C GLY A 166 5.07 24.70 -19.79
N GLU A 167 4.10 23.81 -20.01
CA GLU A 167 3.56 22.90 -18.99
C GLU A 167 4.04 21.52 -19.40
N PHE A 168 4.71 20.82 -18.47
CA PHE A 168 5.24 19.48 -18.68
C PHE A 168 5.02 18.62 -17.43
N VAL A 169 3.95 17.87 -17.43
CA VAL A 169 3.43 17.25 -16.25
C VAL A 169 3.40 15.73 -16.40
N GLU A 170 3.88 15.03 -15.37
CA GLU A 170 3.77 13.56 -15.27
C GLU A 170 2.69 13.22 -14.24
N VAL A 171 1.87 12.22 -14.56
CA VAL A 171 0.82 11.71 -13.71
C VAL A 171 1.26 10.54 -12.88
N ILE A 172 1.01 10.59 -11.58
CA ILE A 172 1.36 9.51 -10.67
C ILE A 172 0.13 9.22 -9.83
N SER A 173 -0.43 8.03 -10.03
CA SER A 173 -1.61 7.59 -9.28
C SER A 173 -1.25 6.62 -8.23
N LEU A 174 -1.52 6.92 -6.99
CA LEU A 174 -1.14 6.05 -5.87
C LEU A 174 -2.33 5.58 -5.10
N PRO A 175 -2.32 4.32 -4.57
CA PRO A 175 -3.47 3.90 -3.77
C PRO A 175 -3.66 4.63 -2.53
N LYS A 176 -4.90 5.06 -2.30
CA LYS A 176 -5.24 5.80 -1.14
C LYS A 176 -4.90 5.06 0.13
N ASN A 177 -5.10 3.72 0.11
CA ASN A 177 -4.88 2.89 1.27
C ASN A 177 -3.38 2.72 1.60
N ASP A 178 -2.48 3.22 0.79
CA ASP A 178 -1.04 3.16 1.17
C ASP A 178 -0.32 4.45 0.79
N LEU A 179 -1.05 5.59 0.82
CA LEU A 179 -0.52 6.74 0.14
C LEU A 179 0.84 7.23 0.78
N LEU A 180 0.89 7.29 2.09
CA LEU A 180 2.03 7.84 2.81
C LEU A 180 3.29 6.98 2.51
N GLN A 181 3.16 5.65 2.54
CA GLN A 181 4.33 4.83 2.29
C GLN A 181 4.78 4.92 0.86
N ARG A 182 3.83 5.07 -0.06
CA ARG A 182 4.19 5.18 -1.44
C ARG A 182 4.88 6.50 -1.80
N LEU A 183 4.44 7.58 -1.13
CA LEU A 183 5.12 8.86 -1.22
C LEU A 183 6.56 8.76 -0.64
N ASP A 184 6.67 8.21 0.54
CA ASP A 184 8.02 7.95 1.17
C ASP A 184 8.90 7.14 0.20
N ALA A 185 8.37 6.11 -0.42
CA ALA A 185 9.16 5.33 -1.39
C ALA A 185 9.65 6.13 -2.62
N LEU A 186 8.78 7.00 -3.19
CA LEU A 186 9.22 7.88 -4.25
C LEU A 186 10.30 8.86 -3.79
N VAL A 187 10.16 9.44 -2.60
CA VAL A 187 11.15 10.39 -2.05
C VAL A 187 12.46 9.60 -1.84
N ALA A 188 12.38 8.40 -1.24
CA ALA A 188 13.60 7.53 -1.08
C ALA A 188 14.41 7.30 -2.39
N GLU A 189 13.71 7.21 -3.53
CA GLU A 189 14.27 6.82 -4.81
C GLU A 189 14.85 7.92 -5.74
N GLU A 190 14.37 9.16 -5.60
CA GLU A 190 14.95 10.31 -6.32
C GLU A 190 14.87 11.59 -5.51
N HIS A 191 15.59 12.63 -5.95
CA HIS A 191 15.47 13.94 -5.33
C HIS A 191 14.15 14.55 -5.82
N LEU A 192 13.16 14.64 -4.93
CA LEU A 192 11.95 15.36 -5.30
C LEU A 192 11.33 15.77 -3.99
N THR A 193 10.45 16.73 -4.03
CA THR A 193 9.85 17.22 -2.84
C THR A 193 8.34 16.92 -2.98
N VAL A 194 7.79 16.36 -1.94
CA VAL A 194 6.35 16.25 -1.86
C VAL A 194 5.78 17.54 -1.28
N ASP A 195 4.67 17.96 -1.84
CA ASP A 195 3.90 19.11 -1.35
C ASP A 195 3.31 18.90 -0.02
N ALA A 196 3.33 19.96 0.77
CA ALA A 196 2.83 19.87 2.14
C ALA A 196 1.36 19.51 2.28
N ARG A 197 0.55 19.88 1.29
CA ARG A 197 -0.89 19.51 1.33
C ARG A 197 -1.05 18.02 1.06
N VAL A 198 -0.32 17.50 0.08
CA VAL A 198 -0.36 16.12 -0.19
C VAL A 198 0.12 15.28 1.00
N TYR A 199 1.19 15.76 1.64
CA TYR A 199 1.76 15.01 2.80
C TYR A 199 0.77 15.03 3.96
N SER A 200 0.10 16.12 4.16
CA SER A 200 -0.87 16.32 5.21
C SER A 200 -2.05 15.38 5.01
N TYR A 201 -2.48 15.28 3.77
CA TYR A 201 -3.61 14.41 3.39
C TYR A 201 -3.17 12.99 3.63
N ALA A 202 -2.01 12.58 3.11
CA ALA A 202 -1.51 11.23 3.40
C ALA A 202 -1.31 10.88 4.88
N LEU A 203 -0.82 11.81 5.68
CA LEU A 203 -0.72 11.61 7.14
C LEU A 203 -2.09 11.35 7.80
N ALA A 204 -3.11 12.17 7.45
CA ALA A 204 -4.45 11.97 7.99
C ALA A 204 -5.04 10.57 7.61
N LEU A 205 -4.80 10.12 6.36
CA LEU A 205 -5.22 8.79 5.94
C LEU A 205 -4.63 7.76 6.92
N LYS A 206 -3.28 7.72 6.98
CA LYS A 206 -2.58 6.85 7.95
C LYS A 206 -3.17 6.95 9.35
N HIS A 207 -3.46 8.18 9.84
CA HIS A 207 -3.92 8.38 11.22
C HIS A 207 -5.36 7.89 11.48
N ALA A 208 -6.29 8.19 10.57
CA ALA A 208 -7.64 7.68 10.58
C ALA A 208 -7.63 6.13 10.63
N LYS B 15 16.16 16.59 -16.76
CA LYS B 15 15.77 17.26 -18.03
C LYS B 15 15.62 18.75 -17.82
N GLN B 16 14.96 19.19 -16.74
CA GLN B 16 14.85 20.65 -16.46
C GLN B 16 15.79 21.07 -15.33
N TYR B 17 16.22 22.31 -15.36
CA TYR B 17 17.13 22.78 -14.37
C TYR B 17 17.23 24.30 -14.40
N ILE B 18 17.80 24.84 -13.33
CA ILE B 18 18.00 26.22 -13.17
C ILE B 18 19.30 26.63 -13.90
N ILE B 19 19.25 27.73 -14.58
CA ILE B 19 20.39 28.28 -15.27
C ILE B 19 20.96 29.41 -14.39
N SER B 20 20.13 30.42 -14.07
CA SER B 20 20.55 31.55 -13.23
C SER B 20 19.38 32.11 -12.46
N GLU B 21 19.71 32.84 -11.40
CA GLU B 21 18.74 33.49 -10.56
C GLU B 21 19.20 34.93 -10.48
N GLU B 22 18.30 35.83 -10.79
CA GLU B 22 18.53 37.25 -10.71
C GLU B 22 17.76 37.88 -9.57
N LEU B 23 18.45 38.46 -8.61
CA LEU B 23 17.76 39.20 -7.56
C LEU B 23 16.90 40.39 -8.04
N ILE B 24 15.62 40.39 -7.72
CA ILE B 24 14.77 41.52 -8.12
C ILE B 24 14.67 42.45 -6.93
N SER B 25 14.55 41.89 -5.72
CA SER B 25 14.30 42.74 -4.53
C SER B 25 14.44 41.93 -3.24
N GLU B 26 15.12 42.49 -2.24
CA GLU B 26 15.46 41.79 -1.02
C GLU B 26 15.04 42.55 0.20
N GLY B 27 14.08 42.03 0.93
CA GLY B 27 13.73 42.60 2.24
C GLY B 27 14.57 41.98 3.33
N LYS B 28 14.15 42.18 4.57
CA LYS B 28 14.76 41.57 5.72
C LYS B 28 14.44 40.13 5.82
N TRP B 29 13.21 39.78 5.40
CA TRP B 29 12.64 38.46 5.63
C TRP B 29 12.39 37.66 4.30
N VAL B 30 12.20 38.36 3.19
CA VAL B 30 11.74 37.75 1.92
C VAL B 30 12.46 38.44 0.79
N LYS B 31 12.74 37.71 -0.27
CA LYS B 31 13.23 38.27 -1.53
C LYS B 31 12.45 37.74 -2.71
N LEU B 32 12.49 38.50 -3.80
CA LEU B 32 11.92 38.17 -5.08
C LEU B 32 12.99 38.03 -6.09
N GLU B 33 13.02 36.90 -6.78
CA GLU B 33 14.04 36.61 -7.81
C GLU B 33 13.41 36.33 -9.12
N LYS B 34 14.16 36.50 -10.19
CA LYS B 34 13.71 36.09 -11.51
C LYS B 34 14.60 34.91 -11.85
N THR B 35 14.00 33.75 -11.95
CA THR B 35 14.68 32.49 -12.21
C THR B 35 14.71 32.18 -13.66
N THR B 36 15.91 31.90 -14.18
CA THR B 36 15.99 31.37 -15.55
C THR B 36 16.18 29.84 -15.52
N TYR B 37 15.41 29.13 -16.36
CA TYR B 37 15.47 27.68 -16.38
C TYR B 37 15.25 27.16 -17.76
N MET B 38 15.65 25.90 -17.90
CA MET B 38 15.67 25.23 -19.16
C MET B 38 14.42 24.37 -19.16
N ASP B 39 13.56 24.61 -20.12
CA ASP B 39 12.34 23.84 -20.23
C ASP B 39 12.73 22.53 -20.95
N PRO B 40 11.89 21.52 -20.89
CA PRO B 40 12.33 20.22 -21.39
C PRO B 40 12.49 20.15 -22.93
N THR B 41 11.91 21.07 -23.67
CA THR B 41 12.18 21.16 -25.11
C THR B 41 13.58 21.71 -25.45
N GLY B 42 14.32 22.25 -24.49
CA GLY B 42 15.57 23.01 -24.81
C GLY B 42 15.37 24.53 -24.97
N LYS B 43 14.16 25.03 -24.70
CA LYS B 43 13.87 26.48 -24.65
C LYS B 43 14.10 27.05 -23.22
N THR B 44 14.70 28.23 -23.17
CA THR B 44 15.08 28.91 -21.96
C THR B 44 13.87 29.74 -21.53
N ARG B 45 13.55 29.77 -20.23
CA ARG B 45 12.28 30.39 -19.75
C ARG B 45 12.53 31.05 -18.42
N THR B 46 11.66 31.98 -18.00
CA THR B 46 11.85 32.68 -16.75
C THR B 46 10.60 32.47 -15.84
N TRP B 47 10.83 32.60 -14.54
CA TRP B 47 9.80 32.41 -13.52
C TRP B 47 10.05 33.45 -12.45
N GLU B 48 8.99 34.02 -11.90
CA GLU B 48 9.18 34.89 -10.73
C GLU B 48 9.00 34.05 -9.48
N SER B 49 10.00 34.10 -8.59
CA SER B 49 10.12 33.24 -7.50
C SER B 49 10.35 34.02 -6.22
N VAL B 50 9.77 33.52 -5.13
CA VAL B 50 9.95 34.11 -3.81
C VAL B 50 10.80 33.17 -3.02
N LYS B 51 11.70 33.71 -2.21
CA LYS B 51 12.44 32.93 -1.25
C LYS B 51 12.55 33.67 0.08
N ARG B 52 12.65 32.90 1.19
CA ARG B 52 12.98 33.55 2.46
C ARG B 52 14.48 33.85 2.53
N THR B 53 14.84 34.86 3.32
CA THR B 53 16.26 35.27 3.52
C THR B 53 16.87 34.61 4.73
N THR B 54 16.05 33.87 5.48
CA THR B 54 16.40 33.34 6.79
C THR B 54 16.93 31.90 6.77
N ARG B 55 16.87 31.18 5.66
CA ARG B 55 17.23 29.78 5.73
C ARG B 55 18.75 29.64 5.84
N LYS B 56 19.23 28.65 6.62
CA LYS B 56 20.68 28.42 6.87
C LYS B 56 21.19 27.08 6.34
N GLN B 58 19.65 24.77 7.76
CA GLN B 58 18.40 24.07 8.12
C GLN B 58 17.97 23.07 7.02
N THR B 59 17.35 21.99 7.46
CA THR B 59 16.59 20.99 6.63
C THR B 59 15.40 21.58 5.80
N ALA B 60 14.97 22.77 6.16
CA ALA B 60 13.66 23.39 5.79
C ALA B 60 13.60 24.74 6.49
N ASP B 61 12.70 25.61 6.03
CA ASP B 61 12.50 26.90 6.64
C ASP B 61 11.89 26.77 8.02
N GLY B 62 10.89 25.91 8.14
CA GLY B 62 10.02 25.86 9.29
C GLY B 62 9.56 24.45 9.62
N VAL B 63 8.75 24.40 10.67
CA VAL B 63 8.02 23.21 11.06
C VAL B 63 6.59 23.59 11.21
N ALA B 64 5.70 22.60 11.00
CA ALA B 64 4.32 22.72 11.40
C ALA B 64 4.01 21.44 12.18
N VAL B 65 3.26 21.59 13.19
CA VAL B 65 3.04 20.57 14.16
C VAL B 65 1.59 20.13 14.06
N ILE B 66 1.38 18.86 13.90
CA ILE B 66 0.07 18.28 14.02
C ILE B 66 -0.07 17.72 15.45
N PRO B 67 -0.76 18.43 16.36
CA PRO B 67 -0.75 18.08 17.78
C PRO B 67 -2.09 17.48 18.23
N VAL B 68 -2.07 16.20 18.56
CA VAL B 68 -3.26 15.47 19.02
C VAL B 68 -3.33 15.52 20.55
N LEU B 69 -4.39 16.18 21.06
CA LEU B 69 -4.67 16.26 22.49
C LEU B 69 -5.48 15.03 22.90
N GLN B 70 -4.79 14.11 23.58
CA GLN B 70 -5.31 12.78 23.92
C GLN B 70 -5.61 12.70 25.40
N ARG B 71 -6.90 12.72 25.75
CA ARG B 71 -7.38 12.72 27.13
C ARG B 71 -8.35 11.55 27.30
N THR B 72 -8.14 10.75 28.33
CA THR B 72 -9.03 9.63 28.51
C THR B 72 -10.47 10.12 28.76
N LEU B 73 -11.41 9.32 28.22
CA LEU B 73 -12.82 9.53 28.27
C LEU B 73 -13.28 10.79 27.54
N HIS B 74 -12.42 11.29 26.68
CA HIS B 74 -12.75 12.46 25.82
C HIS B 74 -12.46 12.10 24.41
N TYR B 75 -13.07 12.86 23.49
CA TYR B 75 -12.60 12.73 22.12
C TYR B 75 -11.18 13.21 21.94
N GLU B 76 -10.42 12.55 21.09
CA GLU B 76 -9.11 13.09 20.66
C GLU B 76 -9.33 14.36 19.92
N CYS B 77 -8.50 15.35 20.23
CA CYS B 77 -8.59 16.67 19.59
C CYS B 77 -7.30 17.01 18.84
N ILE B 78 -7.46 17.84 17.81
CA ILE B 78 -6.32 18.34 17.10
C ILE B 78 -6.25 19.75 17.60
N VAL B 79 -5.07 20.14 18.05
CA VAL B 79 -4.87 21.48 18.61
C VAL B 79 -4.42 22.48 17.56
N LEU B 80 -5.16 23.52 17.37
CA LEU B 80 -4.82 24.51 16.36
C LEU B 80 -4.72 25.89 16.96
N VAL B 81 -4.19 26.80 16.16
CA VAL B 81 -3.99 28.14 16.60
C VAL B 81 -4.63 29.13 15.65
N LYS B 82 -5.09 30.25 16.20
CA LYS B 82 -5.69 31.35 15.46
C LYS B 82 -4.86 32.61 15.75
N GLN B 83 -4.49 33.31 14.70
CA GLN B 83 -3.58 34.46 14.79
C GLN B 83 -3.99 35.40 13.66
N PHE B 84 -3.73 36.69 13.86
CA PHE B 84 -3.83 37.67 12.79
C PHE B 84 -2.64 37.41 11.89
N ARG B 85 -2.88 37.38 10.58
CA ARG B 85 -1.77 37.21 9.63
C ARG B 85 -1.68 38.38 8.73
N PRO B 86 -0.66 39.23 8.92
CA PRO B 86 -0.67 40.46 8.08
C PRO B 86 -0.74 40.26 6.56
N PRO B 87 -0.03 39.27 5.99
CA PRO B 87 -0.20 39.06 4.54
C PRO B 87 -1.62 38.77 4.20
N MET B 88 -2.38 38.12 5.10
CA MET B 88 -3.75 37.76 4.77
C MET B 88 -4.73 38.88 5.06
N GLY B 89 -4.34 39.87 5.88
CA GLY B 89 -5.28 40.92 6.26
C GLY B 89 -6.34 40.45 7.20
N GLY B 90 -6.16 39.32 7.85
CA GLY B 90 -7.16 38.75 8.71
C GLY B 90 -6.63 37.61 9.54
N TYR B 91 -7.56 36.97 10.21
CA TYR B 91 -7.26 35.88 11.10
C TYR B 91 -7.32 34.54 10.35
N CYS B 92 -6.36 33.68 10.67
CA CYS B 92 -6.21 32.35 10.09
C CYS B 92 -6.15 31.31 11.16
N ILE B 93 -6.63 30.15 10.83
CA ILE B 93 -6.60 28.97 11.68
C ILE B 93 -5.57 27.99 11.07
N GLU B 94 -4.61 27.61 11.88
CA GLU B 94 -3.38 26.91 11.44
C GLU B 94 -2.87 25.88 12.48
N PHE B 95 -2.08 24.93 12.00
CA PHE B 95 -1.31 24.09 12.89
C PHE B 95 -0.27 25.01 13.53
N PRO B 96 0.02 24.79 14.79
CA PRO B 96 1.17 25.51 15.42
C PRO B 96 2.41 25.34 14.57
N ALA B 97 3.22 26.38 14.45
CA ALA B 97 4.27 26.44 13.50
C ALA B 97 5.18 27.60 13.71
N GLY B 98 6.40 27.38 13.31
CA GLY B 98 7.34 28.48 13.23
C GLY B 98 8.59 28.03 12.53
N LEU B 99 9.45 29.03 12.29
CA LEU B 99 10.74 28.77 11.66
C LEU B 99 11.70 28.04 12.59
N ILE B 100 12.54 27.18 12.01
CA ILE B 100 13.54 26.37 12.68
C ILE B 100 14.78 27.28 12.96
N ASP B 101 15.18 27.42 14.24
CA ASP B 101 16.38 28.22 14.61
C ASP B 101 17.67 27.62 14.02
N ASP B 102 18.66 28.47 13.69
CA ASP B 102 19.96 27.96 13.19
C ASP B 102 20.52 26.95 14.21
N GLY B 103 20.81 25.72 13.76
CA GLY B 103 21.29 24.66 14.66
C GLY B 103 20.26 23.88 15.48
N GLU B 104 18.98 24.17 15.29
CA GLU B 104 17.90 23.39 15.92
C GLU B 104 17.49 22.24 14.98
N THR B 105 17.13 21.10 15.54
CA THR B 105 16.54 20.02 14.77
C THR B 105 15.05 20.28 14.53
N PRO B 106 14.47 19.65 13.48
CA PRO B 106 13.02 19.90 13.26
C PRO B 106 12.16 19.40 14.42
N GLU B 107 12.51 18.26 14.99
CA GLU B 107 11.80 17.76 16.18
C GLU B 107 11.82 18.72 17.37
N ALA B 108 12.96 19.34 17.60
CA ALA B 108 13.11 20.21 18.76
C ALA B 108 12.37 21.49 18.52
N ALA B 109 12.42 21.99 17.28
CA ALA B 109 11.66 23.16 16.85
C ALA B 109 10.17 22.97 17.05
N ALA B 110 9.74 21.76 16.78
CA ALA B 110 8.32 21.34 16.85
C ALA B 110 7.82 21.34 18.27
N LEU B 111 8.59 20.70 19.15
CA LEU B 111 8.26 20.81 20.57
C LEU B 111 8.35 22.19 21.11
N ARG B 112 9.32 22.99 20.66
CA ARG B 112 9.43 24.31 21.16
C ARG B 112 8.26 25.15 20.73
N GLU B 113 7.96 25.15 19.41
CA GLU B 113 6.87 25.95 18.93
C GLU B 113 5.55 25.56 19.50
N LEU B 114 5.33 24.27 19.65
CA LEU B 114 4.09 23.80 20.25
C LEU B 114 3.92 24.35 21.66
N GLU B 115 4.98 24.27 22.45
CA GLU B 115 4.93 24.85 23.79
C GLU B 115 4.74 26.33 23.84
N GLU B 116 5.50 27.07 23.02
CA GLU B 116 5.33 28.52 22.97
C GLU B 116 3.94 28.99 22.56
N GLU B 117 3.39 28.31 21.56
CA GLU B 117 2.15 28.75 20.96
C GLU B 117 0.94 28.21 21.70
N THR B 118 1.08 27.03 22.29
CA THR B 118 -0.10 26.36 22.95
C THR B 118 0.05 26.13 24.48
N GLY B 119 1.29 26.19 24.99
CA GLY B 119 1.59 25.72 26.34
C GLY B 119 1.63 24.23 26.48
N TYR B 120 1.20 23.44 25.47
CA TYR B 120 1.31 22.02 25.60
C TYR B 120 2.71 21.48 25.41
N LYS B 121 2.99 20.43 26.20
CA LYS B 121 4.21 19.62 26.12
C LYS B 121 3.93 18.28 25.54
N GLY B 122 4.57 17.98 24.43
CA GLY B 122 4.18 16.84 23.63
C GLY B 122 5.34 15.93 23.38
N ASP B 123 5.04 14.81 22.74
CA ASP B 123 5.99 13.81 22.34
C ASP B 123 5.97 13.64 20.86
N ILE B 124 7.13 13.51 20.24
CA ILE B 124 7.21 13.26 18.80
C ILE B 124 6.68 11.88 18.43
N ALA B 125 5.81 11.82 17.44
CA ALA B 125 5.39 10.55 16.87
C ALA B 125 6.10 10.25 15.57
N GLU B 126 6.11 11.21 14.65
CA GLU B 126 6.80 11.02 13.38
C GLU B 126 7.17 12.36 12.75
N CYS B 127 7.94 12.31 11.68
CA CYS B 127 8.51 13.50 11.06
C CYS B 127 8.54 13.33 9.57
N SER B 128 7.96 14.30 8.88
CA SER B 128 8.04 14.32 7.43
C SER B 128 9.44 14.74 6.98
N PRO B 129 9.85 14.32 5.78
CA PRO B 129 10.91 15.01 5.03
C PRO B 129 10.49 16.47 4.74
N ALA B 130 11.43 17.28 4.29
CA ALA B 130 11.07 18.67 3.94
C ALA B 130 9.99 18.60 2.81
N VAL B 131 8.91 19.34 3.01
CA VAL B 131 7.76 19.39 2.08
C VAL B 131 7.51 20.82 1.65
N CYS B 132 7.11 21.04 0.40
CA CYS B 132 6.95 22.40 -0.06
C CYS B 132 5.60 23.08 0.29
N MET B 133 5.69 24.36 0.56
CA MET B 133 4.55 25.14 0.90
C MET B 133 3.70 25.60 -0.33
N ASP B 134 4.35 26.16 -1.35
CA ASP B 134 3.65 26.69 -2.46
C ASP B 134 4.63 26.72 -3.64
N PRO B 135 4.87 25.55 -4.25
CA PRO B 135 6.12 25.45 -5.03
C PRO B 135 6.08 26.22 -6.36
N GLY B 136 4.87 26.62 -6.82
CA GLY B 136 4.70 27.47 -8.00
C GLY B 136 5.11 28.89 -7.71
N LEU B 137 5.30 29.20 -6.45
CA LEU B 137 5.58 30.57 -6.09
C LEU B 137 6.83 30.75 -5.31
N SER B 138 7.13 29.85 -4.39
CA SER B 138 8.24 30.02 -3.45
C SER B 138 9.03 28.77 -3.28
N ASN B 139 10.20 28.92 -2.70
CA ASN B 139 10.96 27.74 -2.30
C ASN B 139 10.68 27.29 -0.89
N CYS B 140 9.64 27.83 -0.22
CA CYS B 140 9.46 27.60 1.19
C CYS B 140 9.12 26.15 1.49
N THR B 141 9.80 25.65 2.51
CA THR B 141 9.55 24.29 2.97
C THR B 141 9.45 24.18 4.47
N ILE B 142 8.78 23.09 4.90
CA ILE B 142 8.63 22.78 6.28
C ILE B 142 8.77 21.31 6.51
N HIS B 143 8.98 20.95 7.78
CA HIS B 143 8.77 19.59 8.23
C HIS B 143 7.46 19.54 8.95
N ILE B 144 6.62 18.60 8.60
CA ILE B 144 5.39 18.35 9.35
C ILE B 144 5.75 17.34 10.44
N VAL B 145 5.50 17.75 11.67
CA VAL B 145 5.83 16.92 12.82
C VAL B 145 4.56 16.58 13.56
N THR B 146 4.28 15.27 13.64
CA THR B 146 3.12 14.74 14.32
C THR B 146 3.53 14.52 15.77
N VAL B 147 2.74 15.05 16.72
CA VAL B 147 3.09 15.01 18.13
C VAL B 147 1.83 14.61 18.86
N THR B 148 2.00 13.78 19.87
CA THR B 148 0.87 13.45 20.73
C THR B 148 1.02 14.20 22.03
N ILE B 149 -0.09 14.60 22.64
CA ILE B 149 -0.03 15.37 23.86
C ILE B 149 -0.83 14.58 24.89
N ASN B 150 -0.19 14.21 26.01
CA ASN B 150 -0.88 13.43 27.02
C ASN B 150 -1.58 14.41 27.89
N GLY B 151 -2.84 14.63 27.56
CA GLY B 151 -3.66 15.64 28.22
C GLY B 151 -3.95 15.32 29.72
N ASP B 152 -3.65 14.12 30.19
CA ASP B 152 -3.95 13.70 31.55
C ASP B 152 -2.74 13.93 32.47
N ASP B 153 -1.62 14.41 31.91
CA ASP B 153 -0.38 14.64 32.69
C ASP B 153 -0.49 15.99 33.29
N ALA B 154 0.14 16.16 34.46
CA ALA B 154 0.04 17.37 35.21
C ALA B 154 0.60 18.54 34.42
N GLU B 155 1.63 18.29 33.61
CA GLU B 155 2.28 19.42 32.93
C GLU B 155 1.36 20.06 31.85
N ASN B 156 0.33 19.32 31.43
CA ASN B 156 -0.66 19.78 30.41
C ASN B 156 -1.98 20.04 31.01
N ALA B 157 -2.05 20.16 32.35
CA ALA B 157 -3.28 20.51 33.03
C ALA B 157 -3.72 21.95 32.73
N ARG B 158 -2.83 22.87 33.03
CA ARG B 158 -3.09 24.31 32.88
C ARG B 158 -2.01 24.80 31.91
N PRO B 159 -2.17 24.47 30.60
CA PRO B 159 -1.05 24.72 29.67
C PRO B 159 -0.67 26.23 29.61
N LYS B 160 0.62 26.54 29.82
CA LYS B 160 1.13 27.93 29.81
C LYS B 160 1.79 28.37 28.44
N PRO B 161 1.04 29.08 27.53
CA PRO B 161 1.64 29.55 26.23
C PRO B 161 2.70 30.65 26.39
N LYS B 162 3.94 30.39 25.99
CA LYS B 162 5.02 31.41 26.04
C LYS B 162 5.25 32.13 24.66
N PRO B 163 4.39 33.10 24.31
CA PRO B 163 4.63 33.84 23.07
C PRO B 163 5.96 34.60 23.02
N GLY B 164 6.65 34.56 21.88
CA GLY B 164 7.70 35.57 21.63
C GLY B 164 7.15 37.00 21.49
N ASP B 165 8.07 37.95 21.32
CA ASP B 165 7.70 39.34 21.01
C ASP B 165 6.75 39.43 19.80
N GLY B 166 5.66 40.17 19.95
CA GLY B 166 4.72 40.41 18.84
C GLY B 166 3.90 39.21 18.33
N GLU B 167 3.89 38.10 19.06
CA GLU B 167 3.01 36.98 18.74
C GLU B 167 1.80 37.04 19.66
N PHE B 168 0.64 36.72 19.10
CA PHE B 168 -0.63 36.81 19.83
C PHE B 168 -1.48 35.68 19.28
N VAL B 169 -1.47 34.58 20.01
CA VAL B 169 -1.98 33.30 19.53
C VAL B 169 -3.13 32.79 20.40
N GLU B 170 -4.30 32.51 19.81
CA GLU B 170 -5.39 31.81 20.50
C GLU B 170 -5.32 30.34 20.17
N VAL B 171 -5.67 29.51 21.14
CA VAL B 171 -5.64 28.08 20.94
C VAL B 171 -7.07 27.60 20.66
N ILE B 172 -7.24 26.77 19.65
CA ILE B 172 -8.56 26.17 19.35
C ILE B 172 -8.34 24.67 19.16
N SER B 173 -8.91 23.88 20.06
CA SER B 173 -8.88 22.45 20.00
C SER B 173 -10.14 21.86 19.46
N LEU B 174 -10.02 21.02 18.44
CA LEU B 174 -11.21 20.52 17.79
C LEU B 174 -11.18 19.05 17.75
N PRO B 175 -12.36 18.39 17.87
CA PRO B 175 -12.27 16.93 17.87
C PRO B 175 -11.83 16.39 16.52
N LYS B 176 -10.85 15.48 16.53
CA LYS B 176 -10.33 14.85 15.32
C LYS B 176 -11.44 14.20 14.48
N ASN B 177 -12.34 13.45 15.16
CA ASN B 177 -13.43 12.74 14.45
C ASN B 177 -14.45 13.60 13.67
N ASP B 178 -14.52 14.91 13.90
CA ASP B 178 -15.43 15.78 13.19
C ASP B 178 -14.71 17.04 12.69
N LEU B 179 -13.38 16.94 12.44
CA LEU B 179 -12.55 18.14 12.24
C LEU B 179 -13.07 18.96 11.08
N LEU B 180 -13.34 18.35 9.93
CA LEU B 180 -13.78 19.12 8.76
C LEU B 180 -15.09 19.90 8.96
N GLN B 181 -16.10 19.23 9.53
CA GLN B 181 -17.35 19.92 9.92
C GLN B 181 -17.13 21.03 10.90
N ARG B 182 -16.30 20.80 11.92
CA ARG B 182 -16.01 21.89 12.82
C ARG B 182 -15.29 23.08 12.20
N LEU B 183 -14.37 22.84 11.26
CA LEU B 183 -13.69 23.92 10.63
C LEU B 183 -14.59 24.73 9.72
N ASP B 184 -15.37 24.04 8.95
CA ASP B 184 -16.40 24.71 8.08
C ASP B 184 -17.31 25.62 8.93
N ALA B 185 -17.68 25.13 10.11
CA ALA B 185 -18.50 25.90 11.02
C ALA B 185 -17.82 27.17 11.49
N LEU B 186 -16.53 27.07 11.87
CA LEU B 186 -15.83 28.28 12.24
C LEU B 186 -15.73 29.28 11.10
N VAL B 187 -15.47 28.80 9.88
CA VAL B 187 -15.39 29.68 8.72
C VAL B 187 -16.76 30.39 8.50
N ALA B 188 -17.84 29.62 8.62
CA ALA B 188 -19.23 30.11 8.45
C ALA B 188 -19.59 31.19 9.46
N GLU B 189 -19.16 31.02 10.69
CA GLU B 189 -19.63 31.83 11.77
C GLU B 189 -18.64 32.95 12.10
N GLU B 190 -17.34 32.69 11.97
CA GLU B 190 -16.27 33.59 12.48
C GLU B 190 -15.48 34.41 11.42
N HIS B 191 -15.81 34.28 10.11
CA HIS B 191 -15.05 34.94 8.98
C HIS B 191 -13.49 34.88 9.11
N LEU B 192 -13.02 33.65 9.23
CA LEU B 192 -11.65 33.24 9.42
C LEU B 192 -11.21 32.48 8.12
N THR B 193 -9.91 32.37 7.90
CA THR B 193 -9.37 31.54 6.83
C THR B 193 -8.65 30.34 7.44
N VAL B 194 -9.05 29.13 7.02
CA VAL B 194 -8.42 27.92 7.41
C VAL B 194 -7.20 27.71 6.51
N ASP B 195 -6.12 27.28 7.12
CA ASP B 195 -4.95 26.86 6.41
C ASP B 195 -5.11 25.63 5.51
N ALA B 196 -4.42 25.63 4.36
CA ALA B 196 -4.64 24.58 3.37
C ALA B 196 -4.19 23.20 3.84
N ARG B 197 -3.10 23.21 4.64
CA ARG B 197 -2.63 21.98 5.22
C ARG B 197 -3.61 21.44 6.27
N VAL B 198 -4.12 22.28 7.15
CA VAL B 198 -5.14 21.89 8.08
C VAL B 198 -6.37 21.30 7.31
N TYR B 199 -6.84 22.02 6.32
CA TYR B 199 -8.00 21.58 5.55
C TYR B 199 -7.77 20.26 4.81
N SER B 200 -6.58 20.06 4.28
CA SER B 200 -6.24 18.87 3.61
C SER B 200 -6.23 17.66 4.53
N TYR B 201 -5.70 17.89 5.73
CA TYR B 201 -5.69 16.83 6.79
C TYR B 201 -7.14 16.47 7.16
N ALA B 202 -7.94 17.50 7.40
CA ALA B 202 -9.31 17.33 7.77
C ALA B 202 -10.13 16.58 6.71
N LEU B 203 -9.91 16.94 5.45
CA LEU B 203 -10.51 16.22 4.33
C LEU B 203 -10.18 14.76 4.34
N ALA B 204 -8.88 14.44 4.41
CA ALA B 204 -8.47 13.04 4.43
C ALA B 204 -9.00 12.26 5.62
N LEU B 205 -9.19 12.88 6.78
CA LEU B 205 -9.82 12.13 7.91
C LEU B 205 -11.24 11.66 7.50
N LYS B 206 -11.96 12.52 6.79
CA LYS B 206 -13.30 12.15 6.24
C LYS B 206 -13.18 11.16 5.09
N HIS B 207 -12.23 11.35 4.20
CA HIS B 207 -12.12 10.48 3.04
C HIS B 207 -11.56 9.05 3.32
N ALA B 208 -10.89 8.87 4.47
CA ALA B 208 -10.31 7.59 4.79
C ALA B 208 -11.35 6.46 4.84
N ASN B 209 -10.84 5.29 4.48
CA ASN B 209 -11.50 3.96 4.49
C ASN B 209 -12.32 3.77 3.22
N GLN C 16 -18.53 -10.80 -11.47
CA GLN C 16 -19.05 -11.95 -10.66
C GLN C 16 -19.05 -11.55 -9.17
N TYR C 17 -19.95 -12.11 -8.36
CA TYR C 17 -20.03 -11.76 -6.96
C TYR C 17 -20.81 -12.80 -6.21
N ILE C 18 -20.62 -12.80 -4.89
CA ILE C 18 -21.19 -13.77 -3.98
C ILE C 18 -22.59 -13.29 -3.70
N ILE C 19 -23.57 -14.17 -3.91
CA ILE C 19 -24.99 -13.89 -3.53
C ILE C 19 -25.28 -14.32 -2.07
N SER C 20 -24.84 -15.52 -1.68
CA SER C 20 -25.21 -16.06 -0.38
C SER C 20 -24.31 -17.23 -0.01
N GLU C 21 -23.97 -17.27 1.29
CA GLU C 21 -23.18 -18.34 1.91
C GLU C 21 -24.11 -19.09 2.90
N GLU C 22 -24.51 -20.31 2.50
CA GLU C 22 -25.44 -21.16 3.26
C GLU C 22 -24.65 -22.31 3.93
N LEU C 23 -24.74 -22.35 5.27
CA LEU C 23 -23.99 -23.26 6.11
C LEU C 23 -24.44 -24.74 6.08
N ILE C 24 -23.57 -25.69 5.69
CA ILE C 24 -23.87 -27.16 5.56
C ILE C 24 -23.33 -28.08 6.65
N SER C 25 -22.37 -27.62 7.48
CA SER C 25 -21.87 -28.32 8.70
C SER C 25 -20.72 -27.56 9.36
N GLU C 26 -20.64 -27.55 10.67
CA GLU C 26 -19.64 -26.75 11.39
C GLU C 26 -19.06 -27.55 12.51
N GLY C 27 -17.75 -27.77 12.46
CA GLY C 27 -17.03 -28.48 13.49
C GLY C 27 -16.32 -27.44 14.30
N LYS C 28 -15.46 -27.86 15.22
CA LYS C 28 -14.60 -26.94 15.99
C LYS C 28 -13.54 -26.14 15.20
N TRP C 29 -13.01 -26.70 14.09
CA TRP C 29 -11.91 -26.08 13.32
C TRP C 29 -12.26 -25.68 11.90
N VAL C 30 -13.23 -26.35 11.28
CA VAL C 30 -13.57 -26.16 9.87
C VAL C 30 -15.11 -26.15 9.62
N LYS C 31 -15.56 -25.55 8.50
CA LYS C 31 -16.98 -25.56 8.15
C LYS C 31 -17.14 -25.72 6.65
N LEU C 32 -18.24 -26.31 6.23
CA LEU C 32 -18.54 -26.51 4.83
C LEU C 32 -19.72 -25.58 4.45
N GLU C 33 -19.76 -25.05 3.22
CA GLU C 33 -20.84 -24.14 2.78
C GLU C 33 -21.30 -24.32 1.35
N LYS C 34 -22.58 -23.99 1.12
CA LYS C 34 -23.13 -23.90 -0.24
C LYS C 34 -22.93 -22.41 -0.54
N THR C 35 -22.27 -22.10 -1.65
CA THR C 35 -21.94 -20.74 -2.02
C THR C 35 -22.76 -20.49 -3.28
N THR C 36 -23.53 -19.39 -3.34
CA THR C 36 -24.26 -19.10 -4.59
C THR C 36 -23.76 -17.77 -5.13
N TYR C 37 -23.57 -17.69 -6.44
CA TYR C 37 -22.78 -16.61 -7.02
C TYR C 37 -23.31 -16.29 -8.40
N MET C 38 -23.18 -15.03 -8.83
CA MET C 38 -23.58 -14.63 -10.19
C MET C 38 -22.38 -14.83 -11.08
N ASP C 39 -22.57 -15.61 -12.14
CA ASP C 39 -21.53 -15.82 -13.13
C ASP C 39 -21.41 -14.62 -14.00
N PRO C 40 -20.41 -14.63 -14.90
CA PRO C 40 -20.19 -13.39 -15.67
C PRO C 40 -21.33 -13.07 -16.72
N THR C 41 -21.99 -14.11 -17.24
CA THR C 41 -23.10 -13.94 -18.18
C THR C 41 -24.44 -13.56 -17.54
N GLY C 42 -24.53 -13.48 -16.20
CA GLY C 42 -25.80 -13.26 -15.49
C GLY C 42 -26.54 -14.52 -15.00
N LYS C 43 -26.02 -15.72 -15.31
CA LYS C 43 -26.48 -16.97 -14.70
C LYS C 43 -26.01 -17.13 -13.23
N THR C 44 -27.01 -17.24 -12.36
CA THR C 44 -26.86 -17.66 -10.96
C THR C 44 -26.30 -19.10 -10.90
N ARG C 45 -25.24 -19.36 -10.09
CA ARG C 45 -24.59 -20.69 -10.03
C ARG C 45 -24.24 -20.98 -8.60
N THR C 46 -23.74 -22.19 -8.34
CA THR C 46 -23.47 -22.63 -6.99
C THR C 46 -22.12 -23.45 -6.80
N TRP C 47 -21.64 -23.56 -5.58
CA TRP C 47 -20.27 -24.12 -5.25
C TRP C 47 -20.19 -24.62 -3.80
N GLU C 48 -19.47 -25.74 -3.59
CA GLU C 48 -19.16 -26.24 -2.26
C GLU C 48 -17.80 -25.64 -1.74
N SER C 49 -17.89 -24.79 -0.74
CA SER C 49 -16.74 -23.98 -0.21
C SER C 49 -16.44 -24.39 1.22
N VAL C 50 -15.15 -24.48 1.54
CA VAL C 50 -14.68 -24.78 2.85
C VAL C 50 -14.07 -23.54 3.43
N LYS C 51 -14.22 -23.36 4.73
CA LYS C 51 -13.69 -22.21 5.43
C LYS C 51 -13.32 -22.67 6.85
N ARG C 52 -12.20 -22.19 7.38
CA ARG C 52 -11.86 -22.46 8.82
C ARG C 52 -12.64 -21.56 9.71
N THR C 53 -12.81 -21.97 10.97
CA THR C 53 -13.64 -21.22 11.93
C THR C 53 -12.85 -20.23 12.74
N THR C 54 -11.56 -20.53 12.91
CA THR C 54 -10.63 -19.83 13.79
C THR C 54 -10.20 -18.39 13.35
N ARG C 55 -10.50 -17.93 12.13
CA ARG C 55 -10.01 -16.62 11.63
C ARG C 55 -10.72 -15.39 12.24
N LYS C 56 -10.00 -14.62 13.07
CA LYS C 56 -10.43 -13.28 13.52
C LYS C 56 -10.03 -12.19 12.50
N GLN C 58 -7.09 -11.75 11.99
CA GLN C 58 -5.84 -11.92 11.31
C GLN C 58 -5.92 -11.51 9.82
N THR C 59 -4.76 -11.08 9.28
CA THR C 59 -4.56 -10.82 7.81
C THR C 59 -4.75 -12.08 6.95
N ALA C 60 -4.57 -13.23 7.58
CA ALA C 60 -4.66 -14.51 6.95
C ALA C 60 -4.86 -15.55 8.05
N ASP C 61 -5.22 -16.77 7.66
CA ASP C 61 -5.32 -17.83 8.64
C ASP C 61 -3.96 -18.15 9.28
N GLY C 62 -2.94 -18.24 8.43
CA GLY C 62 -1.66 -18.76 8.95
C GLY C 62 -0.46 -18.14 8.34
N VAL C 63 0.71 -18.67 8.72
CA VAL C 63 1.95 -18.31 8.02
C VAL C 63 2.70 -19.61 7.64
N ALA C 64 3.49 -19.52 6.58
CA ALA C 64 4.45 -20.55 6.23
C ALA C 64 5.77 -19.83 6.12
N VAL C 65 6.83 -20.47 6.63
CA VAL C 65 8.09 -19.80 6.80
C VAL C 65 9.01 -20.49 5.82
N ILE C 66 9.63 -19.69 4.93
CA ILE C 66 10.71 -20.17 4.10
C ILE C 66 12.06 -19.86 4.84
N PRO C 67 12.67 -20.88 5.48
CA PRO C 67 13.77 -20.57 6.43
C PRO C 67 15.09 -20.93 5.76
N VAL C 68 15.84 -19.90 5.46
CA VAL C 68 17.07 -20.07 4.69
C VAL C 68 18.22 -20.02 5.71
N LEU C 69 18.78 -21.20 5.89
CA LEU C 69 19.93 -21.38 6.79
C LEU C 69 21.20 -21.00 6.09
N GLN C 70 21.83 -19.95 6.61
CA GLN C 70 22.96 -19.30 6.01
C GLN C 70 24.18 -19.54 6.88
N ARG C 71 25.27 -19.98 6.27
CA ARG C 71 26.53 -20.27 7.05
C ARG C 71 27.71 -19.87 6.23
N THR C 72 28.75 -19.39 6.88
CA THR C 72 29.92 -18.85 6.15
C THR C 72 30.52 -19.81 5.22
N LEU C 73 30.56 -21.06 5.63
CA LEU C 73 31.35 -22.06 4.90
C LEU C 73 30.56 -22.89 3.94
N HIS C 74 29.25 -22.65 3.83
CA HIS C 74 28.38 -23.55 3.10
C HIS C 74 27.39 -22.83 2.18
N TYR C 75 26.90 -23.59 1.25
CA TYR C 75 25.72 -23.17 0.46
C TYR C 75 24.51 -23.15 1.39
N GLU C 76 23.54 -22.34 1.02
CA GLU C 76 22.33 -22.18 1.86
C GLU C 76 21.59 -23.49 1.89
N CYS C 77 20.89 -23.73 3.02
CA CYS C 77 19.89 -24.75 3.09
C CYS C 77 18.52 -24.18 3.30
N ILE C 78 17.54 -24.96 2.90
CA ILE C 78 16.13 -24.64 3.20
C ILE C 78 15.74 -25.62 4.31
N VAL C 79 15.15 -25.11 5.39
CA VAL C 79 14.80 -25.95 6.56
C VAL C 79 13.33 -26.30 6.43
N LEU C 80 13.00 -27.58 6.46
CA LEU C 80 11.62 -28.06 6.24
C LEU C 80 11.34 -28.95 7.46
N VAL C 81 10.08 -29.30 7.61
CA VAL C 81 9.63 -30.18 8.69
C VAL C 81 8.86 -31.29 8.14
N LYS C 82 8.98 -32.43 8.80
CA LYS C 82 8.20 -33.58 8.46
C LYS C 82 7.32 -33.93 9.69
N GLN C 83 6.07 -34.17 9.40
CA GLN C 83 5.10 -34.49 10.42
C GLN C 83 4.00 -35.34 9.86
N PHE C 84 3.39 -36.12 10.74
CA PHE C 84 2.21 -36.85 10.39
C PHE C 84 1.02 -35.90 10.33
N ARG C 85 0.29 -35.98 9.26
CA ARG C 85 -0.86 -35.11 8.98
C ARG C 85 -2.09 -35.99 8.83
N PRO C 86 -3.03 -35.90 9.82
CA PRO C 86 -4.20 -36.84 9.78
C PRO C 86 -5.06 -36.77 8.57
N PRO C 87 -5.32 -35.54 8.03
CA PRO C 87 -6.06 -35.49 6.81
C PRO C 87 -5.45 -36.28 5.62
N MET C 88 -4.13 -36.36 5.59
CA MET C 88 -3.43 -37.05 4.53
C MET C 88 -3.25 -38.54 4.86
N GLY C 89 -3.43 -38.92 6.12
CA GLY C 89 -3.12 -40.27 6.58
C GLY C 89 -1.66 -40.68 6.46
N GLY C 90 -0.76 -39.70 6.43
CA GLY C 90 0.66 -40.02 6.34
C GLY C 90 1.47 -38.80 6.63
N TYR C 91 2.76 -38.94 6.35
CA TYR C 91 3.75 -37.96 6.68
C TYR C 91 3.92 -37.03 5.51
N CYS C 92 4.17 -35.76 5.86
CA CYS C 92 4.35 -34.72 4.82
C CYS C 92 5.53 -33.90 5.11
N ILE C 93 6.13 -33.35 4.03
CA ILE C 93 7.27 -32.52 4.16
C ILE C 93 6.83 -31.10 3.73
N GLU C 94 7.01 -30.18 4.61
CA GLU C 94 6.48 -28.82 4.47
C GLU C 94 7.40 -27.78 4.96
N PHE C 95 7.08 -26.51 4.58
CA PHE C 95 7.68 -25.39 5.29
C PHE C 95 7.12 -25.37 6.72
N PRO C 96 7.96 -24.98 7.71
CA PRO C 96 7.41 -24.69 9.05
C PRO C 96 6.25 -23.69 8.94
N ALA C 97 5.21 -23.94 9.72
CA ALA C 97 3.98 -23.25 9.56
C ALA C 97 3.09 -23.37 10.78
N GLY C 98 2.23 -22.38 10.97
CA GLY C 98 1.13 -22.50 11.92
C GLY C 98 0.16 -21.34 11.81
N LEU C 99 -0.95 -21.43 12.54
CA LEU C 99 -1.95 -20.36 12.52
C LEU C 99 -1.41 -19.13 13.27
N ILE C 100 -1.74 -17.93 12.76
CA ILE C 100 -1.45 -16.67 13.44
C ILE C 100 -2.33 -16.48 14.73
N ASP C 101 -1.69 -16.33 15.90
CA ASP C 101 -2.41 -16.14 17.18
C ASP C 101 -3.12 -14.80 17.16
N ASP C 102 -4.06 -14.62 18.08
CA ASP C 102 -4.84 -13.37 18.14
C ASP C 102 -3.93 -12.22 18.53
N GLY C 103 -3.94 -11.15 17.75
CA GLY C 103 -3.13 -9.97 18.08
C GLY C 103 -1.66 -10.12 17.70
N GLU C 104 -1.34 -11.18 16.94
CA GLU C 104 0.03 -11.49 16.55
C GLU C 104 0.20 -11.01 15.14
N THR C 105 1.30 -10.34 14.86
CA THR C 105 1.67 -10.05 13.48
C THR C 105 2.11 -11.35 12.71
N PRO C 106 1.94 -11.40 11.36
CA PRO C 106 2.45 -12.55 10.62
C PRO C 106 3.92 -12.73 10.87
N GLU C 107 4.66 -11.62 11.02
CA GLU C 107 6.07 -11.72 11.25
C GLU C 107 6.45 -12.40 12.57
N ALA C 108 5.74 -12.12 13.66
CA ALA C 108 6.05 -12.61 14.94
C ALA C 108 5.59 -14.10 14.96
N ALA C 109 4.46 -14.37 14.34
CA ALA C 109 3.98 -15.75 14.18
C ALA C 109 5.08 -16.61 13.48
N ALA C 110 5.64 -16.05 12.42
CA ALA C 110 6.66 -16.75 11.63
C ALA C 110 7.89 -17.12 12.49
N LEU C 111 8.43 -16.15 13.20
CA LEU C 111 9.58 -16.41 14.09
C LEU C 111 9.23 -17.40 15.22
N ARG C 112 8.04 -17.24 15.78
CA ARG C 112 7.59 -18.16 16.81
C ARG C 112 7.44 -19.58 16.30
N GLU C 113 6.69 -19.76 15.22
CA GLU C 113 6.46 -21.09 14.70
C GLU C 113 7.79 -21.69 14.26
N LEU C 114 8.65 -20.83 13.68
CA LEU C 114 9.98 -21.38 13.26
C LEU C 114 10.74 -21.93 14.47
N GLU C 115 10.83 -21.13 15.53
CA GLU C 115 11.55 -21.52 16.74
C GLU C 115 10.95 -22.76 17.38
N GLU C 116 9.62 -22.80 17.54
CA GLU C 116 8.93 -23.96 18.06
C GLU C 116 9.17 -25.27 17.29
N GLU C 117 9.12 -25.20 15.97
CA GLU C 117 9.06 -26.35 15.13
C GLU C 117 10.47 -26.83 14.78
N THR C 118 11.42 -25.94 14.79
CA THR C 118 12.81 -26.30 14.36
C THR C 118 13.88 -25.99 15.38
N GLY C 119 13.60 -25.13 16.38
CA GLY C 119 14.61 -24.57 17.29
C GLY C 119 15.50 -23.47 16.78
N TYR C 120 15.41 -23.14 15.47
CA TYR C 120 16.19 -22.03 14.95
C TYR C 120 15.63 -20.65 15.33
N LYS C 121 16.54 -19.74 15.65
CA LYS C 121 16.26 -18.36 15.81
C LYS C 121 16.61 -17.58 14.53
N GLY C 122 15.59 -17.07 13.84
CA GLY C 122 15.75 -16.35 12.61
C GLY C 122 15.49 -14.86 12.64
N ASP C 123 15.66 -14.26 11.49
CA ASP C 123 15.49 -12.83 11.26
C ASP C 123 14.54 -12.69 10.05
N ILE C 124 13.53 -11.84 10.16
CA ILE C 124 12.68 -11.62 9.00
C ILE C 124 13.42 -11.02 7.80
N ALA C 125 13.20 -11.63 6.62
CA ALA C 125 13.63 -11.03 5.41
C ALA C 125 12.52 -10.32 4.64
N GLU C 126 11.38 -10.97 4.49
CA GLU C 126 10.33 -10.47 3.59
C GLU C 126 9.04 -11.17 4.05
N CYS C 127 7.89 -10.55 3.76
CA CYS C 127 6.60 -11.14 4.11
C CYS C 127 5.61 -10.90 2.94
N SER C 128 5.06 -11.97 2.38
CA SER C 128 4.10 -11.90 1.28
C SER C 128 2.82 -11.23 1.73
N PRO C 129 2.00 -10.80 0.74
CA PRO C 129 0.60 -10.47 1.04
C PRO C 129 -0.12 -11.81 1.36
N ALA C 130 -1.34 -11.77 1.84
CA ALA C 130 -2.19 -12.99 1.92
C ALA C 130 -2.39 -13.69 0.58
N VAL C 131 -1.98 -14.97 0.52
CA VAL C 131 -1.98 -15.83 -0.67
C VAL C 131 -2.86 -17.02 -0.33
N CYS C 132 -3.65 -17.42 -1.34
CA CYS C 132 -4.64 -18.43 -1.23
C CYS C 132 -3.97 -19.83 -1.29
N MET C 133 -4.44 -20.74 -0.46
CA MET C 133 -3.95 -22.15 -0.47
C MET C 133 -4.58 -23.11 -1.46
N ASP C 134 -5.88 -23.02 -1.66
CA ASP C 134 -6.53 -23.93 -2.58
C ASP C 134 -7.87 -23.27 -2.99
N PRO C 135 -7.80 -22.23 -3.87
CA PRO C 135 -8.91 -21.32 -3.98
C PRO C 135 -10.18 -21.91 -4.70
N GLY C 136 -10.02 -22.96 -5.50
CA GLY C 136 -11.20 -23.76 -6.01
C GLY C 136 -11.98 -24.50 -4.87
N LEU C 137 -11.41 -24.58 -3.70
CA LEU C 137 -12.02 -25.28 -2.59
C LEU C 137 -12.17 -24.56 -1.33
N SER C 138 -11.24 -23.72 -0.90
CA SER C 138 -11.38 -23.13 0.44
C SER C 138 -11.01 -21.69 0.33
N ASN C 139 -11.33 -20.93 1.37
CA ASN C 139 -10.89 -19.52 1.44
C ASN C 139 -9.58 -19.36 2.20
N CYS C 140 -9.01 -20.46 2.64
CA CYS C 140 -7.76 -20.41 3.43
C CYS C 140 -6.60 -19.62 2.83
N THR C 141 -5.98 -18.77 3.66
CA THR C 141 -4.89 -17.93 3.21
C THR C 141 -3.69 -18.03 4.18
N ILE C 142 -2.52 -17.75 3.64
CA ILE C 142 -1.38 -17.55 4.52
C ILE C 142 -0.58 -16.34 4.12
N HIS C 143 0.36 -15.92 4.99
CA HIS C 143 1.50 -15.14 4.53
C HIS C 143 2.70 -16.11 4.43
N ILE C 144 3.42 -16.02 3.32
CA ILE C 144 4.68 -16.70 3.13
C ILE C 144 5.76 -15.72 3.61
N VAL C 145 6.44 -16.10 4.68
CA VAL C 145 7.41 -15.24 5.26
C VAL C 145 8.84 -15.88 5.09
N THR C 146 9.69 -15.16 4.39
CA THR C 146 11.07 -15.56 4.20
C THR C 146 11.84 -15.16 5.43
N VAL C 147 12.61 -16.11 6.02
CA VAL C 147 13.32 -15.85 7.26
C VAL C 147 14.73 -16.34 7.09
N THR C 148 15.68 -15.53 7.46
CA THR C 148 17.12 -15.96 7.35
C THR C 148 17.52 -16.47 8.71
N ILE C 149 18.32 -17.53 8.74
CA ILE C 149 18.85 -18.07 9.96
C ILE C 149 20.38 -18.02 9.89
N ASN C 150 21.02 -17.32 10.83
CA ASN C 150 22.48 -17.32 10.93
C ASN C 150 22.85 -18.61 11.64
N GLY C 151 23.23 -19.57 10.82
CA GLY C 151 23.73 -20.88 11.21
C GLY C 151 25.04 -20.92 11.99
N ASP C 152 25.80 -19.86 11.94
CA ASP C 152 27.13 -19.77 12.58
C ASP C 152 27.01 -19.04 13.86
N ASP C 153 25.82 -18.56 14.19
CA ASP C 153 25.66 -17.86 15.46
C ASP C 153 25.60 -18.94 16.52
N ALA C 154 26.37 -18.73 17.59
CA ALA C 154 26.36 -19.66 18.70
C ALA C 154 24.93 -19.97 19.16
N GLU C 155 24.06 -18.95 19.17
CA GLU C 155 22.66 -19.22 19.58
C GLU C 155 21.93 -20.29 18.72
N ASN C 156 22.37 -20.50 17.48
CA ASN C 156 21.83 -21.52 16.63
C ASN C 156 22.69 -22.80 16.56
N ALA C 157 23.66 -22.94 17.48
CA ALA C 157 24.56 -24.11 17.44
C ALA C 157 23.81 -25.43 17.62
N ARG C 158 22.85 -25.47 18.51
CA ARG C 158 22.27 -26.71 18.88
C ARG C 158 20.77 -26.56 18.87
N PRO C 159 20.17 -26.23 17.71
CA PRO C 159 18.73 -26.05 17.67
C PRO C 159 17.90 -27.22 18.24
N LYS C 160 16.94 -26.90 19.11
CA LYS C 160 16.03 -27.93 19.65
C LYS C 160 14.63 -27.45 19.50
N PRO C 161 13.80 -28.12 18.69
CA PRO C 161 12.42 -27.70 18.67
C PRO C 161 11.85 -27.75 20.07
N LYS C 162 10.89 -26.88 20.39
CA LYS C 162 10.06 -27.05 21.60
C LYS C 162 8.63 -27.02 21.10
N PRO C 163 8.08 -28.19 20.72
CA PRO C 163 6.79 -28.09 20.06
C PRO C 163 5.67 -28.27 21.06
N GLY C 164 4.46 -27.95 20.64
CA GLY C 164 3.27 -28.10 21.48
C GLY C 164 3.07 -29.55 21.87
N ASP C 165 2.44 -29.77 23.02
CA ASP C 165 1.86 -31.07 23.34
C ASP C 165 0.99 -31.49 22.12
N GLY C 166 1.10 -32.73 21.67
CA GLY C 166 0.43 -33.11 20.41
C GLY C 166 1.14 -32.73 19.08
N GLU C 167 2.16 -31.86 19.10
CA GLU C 167 2.99 -31.58 17.92
C GLU C 167 4.26 -32.47 17.95
N PHE C 168 4.50 -33.16 16.83
CA PHE C 168 5.60 -34.12 16.68
C PHE C 168 6.28 -33.82 15.34
N VAL C 169 7.42 -33.18 15.39
CA VAL C 169 8.06 -32.59 14.21
C VAL C 169 9.48 -33.03 14.09
N GLU C 170 9.89 -33.42 12.89
CA GLU C 170 11.27 -33.74 12.57
C GLU C 170 11.75 -32.70 11.58
N VAL C 171 12.95 -32.22 11.80
CA VAL C 171 13.56 -31.18 10.98
C VAL C 171 14.44 -31.83 9.93
N ILE C 172 14.30 -31.37 8.69
CA ILE C 172 15.15 -31.76 7.57
C ILE C 172 15.67 -30.44 6.93
N SER C 173 16.97 -30.28 6.75
CA SER C 173 17.59 -29.12 6.05
C SER C 173 18.18 -29.60 4.75
N LEU C 174 17.71 -29.07 3.62
CA LEU C 174 18.18 -29.54 2.32
C LEU C 174 18.85 -28.40 1.60
N PRO C 175 19.92 -28.66 0.80
CA PRO C 175 20.62 -27.57 0.15
C PRO C 175 19.71 -26.89 -0.87
N LYS C 176 19.70 -25.57 -0.85
CA LYS C 176 18.86 -24.80 -1.76
C LYS C 176 19.20 -25.10 -3.24
N ASN C 177 20.49 -25.32 -3.49
CA ASN C 177 21.02 -25.53 -4.84
C ASN C 177 20.75 -26.90 -5.37
N ASP C 178 20.11 -27.76 -4.60
CA ASP C 178 19.72 -29.09 -5.06
C ASP C 178 18.36 -29.53 -4.48
N LEU C 179 17.45 -28.56 -4.26
CA LEU C 179 16.29 -28.87 -3.45
C LEU C 179 15.41 -29.95 -4.06
N LEU C 180 15.08 -29.79 -5.34
CA LEU C 180 14.12 -30.63 -5.99
C LEU C 180 14.58 -32.10 -6.07
N GLN C 181 15.82 -32.31 -6.54
CA GLN C 181 16.46 -33.66 -6.48
C GLN C 181 16.45 -34.28 -5.07
N ARG C 182 16.81 -33.50 -4.09
CA ARG C 182 16.80 -33.99 -2.75
C ARG C 182 15.43 -34.31 -2.25
N LEU C 183 14.41 -33.50 -2.60
CA LEU C 183 13.03 -33.84 -2.32
C LEU C 183 12.62 -35.14 -3.02
N ASP C 184 12.93 -35.19 -4.31
CA ASP C 184 12.69 -36.36 -5.15
C ASP C 184 13.24 -37.62 -4.51
N ALA C 185 14.42 -37.53 -3.93
CA ALA C 185 15.07 -38.70 -3.33
C ALA C 185 14.44 -39.08 -1.98
N LEU C 186 14.03 -38.12 -1.15
CA LEU C 186 13.21 -38.46 0.06
C LEU C 186 11.92 -39.21 -0.21
N VAL C 187 11.20 -38.76 -1.24
CA VAL C 187 10.01 -39.35 -1.78
C VAL C 187 10.27 -40.81 -2.22
N ALA C 188 11.43 -41.07 -2.80
CA ALA C 188 11.81 -42.44 -3.25
C ALA C 188 12.08 -43.37 -2.07
N GLU C 189 12.76 -42.89 -1.04
CA GLU C 189 13.14 -43.70 0.09
C GLU C 189 11.95 -44.10 1.00
N GLU C 190 10.89 -43.26 1.07
CA GLU C 190 9.79 -43.39 2.07
C GLU C 190 8.47 -43.00 1.45
N HIS C 191 7.35 -43.46 2.01
CA HIS C 191 6.04 -42.95 1.62
C HIS C 191 5.86 -41.67 2.41
N LEU C 192 6.13 -40.57 1.72
CA LEU C 192 5.85 -39.30 2.28
C LEU C 192 5.42 -38.39 1.15
N THR C 193 4.71 -37.33 1.50
CA THR C 193 4.18 -36.40 0.48
C THR C 193 4.85 -35.04 0.68
N VAL C 194 5.27 -34.41 -0.42
CA VAL C 194 5.83 -33.06 -0.35
C VAL C 194 4.69 -32.02 -0.53
N ASP C 195 4.76 -30.97 0.22
CA ASP C 195 3.81 -29.85 0.10
C ASP C 195 3.94 -29.18 -1.27
N ALA C 196 2.79 -28.81 -1.84
CA ALA C 196 2.79 -28.14 -3.14
C ALA C 196 3.52 -26.81 -3.16
N ARG C 197 3.52 -26.08 -2.07
CA ARG C 197 4.29 -24.80 -2.05
C ARG C 197 5.77 -25.08 -2.01
N VAL C 198 6.15 -26.07 -1.23
CA VAL C 198 7.54 -26.47 -1.22
C VAL C 198 8.02 -26.92 -2.62
N TYR C 199 7.26 -27.78 -3.27
CA TYR C 199 7.62 -28.31 -4.57
C TYR C 199 7.66 -27.18 -5.65
N SER C 200 6.73 -26.25 -5.57
CA SER C 200 6.72 -25.09 -6.51
C SER C 200 7.95 -24.27 -6.32
N TYR C 201 8.33 -24.06 -5.05
CA TYR C 201 9.53 -23.31 -4.75
C TYR C 201 10.74 -24.06 -5.34
N ALA C 202 10.80 -25.37 -5.09
CA ALA C 202 11.90 -26.18 -5.64
C ALA C 202 11.99 -26.15 -7.17
N LEU C 203 10.87 -26.16 -7.83
CA LEU C 203 10.90 -26.19 -9.29
C LEU C 203 11.46 -24.82 -9.80
N ALA C 204 10.97 -23.73 -9.21
CA ALA C 204 11.49 -22.40 -9.62
C ALA C 204 13.01 -22.29 -9.39
N LEU C 205 13.50 -22.86 -8.28
CA LEU C 205 14.92 -22.76 -8.01
C LEU C 205 15.67 -23.42 -9.19
N LYS C 206 15.18 -24.57 -9.63
CA LYS C 206 15.73 -25.28 -10.80
C LYS C 206 15.60 -24.48 -12.13
N HIS C 207 14.45 -23.85 -12.35
CA HIS C 207 14.13 -23.13 -13.61
C HIS C 207 14.67 -21.71 -13.71
N ALA C 208 15.24 -21.20 -12.63
CA ALA C 208 15.93 -19.90 -12.68
C ALA C 208 17.27 -20.04 -13.40
N LYS D 15 5.19 -45.26 12.62
CA LYS D 15 5.30 -44.62 13.96
C LYS D 15 3.94 -44.06 14.43
N GLN D 16 3.25 -43.18 13.66
CA GLN D 16 1.85 -42.78 13.88
C GLN D 16 0.92 -43.40 12.87
N TYR D 17 -0.40 -43.57 13.14
CA TYR D 17 -1.39 -44.09 12.13
C TYR D 17 -2.80 -43.66 12.33
N ILE D 18 -3.62 -43.86 11.29
CA ILE D 18 -5.07 -43.57 11.25
C ILE D 18 -5.74 -44.77 11.95
N ILE D 19 -6.60 -44.50 12.93
CA ILE D 19 -7.41 -45.54 13.64
C ILE D 19 -8.78 -45.59 12.99
N SER D 20 -9.41 -44.43 12.77
CA SER D 20 -10.71 -44.37 12.10
C SER D 20 -11.03 -43.02 11.49
N GLU D 21 -12.05 -43.06 10.64
CA GLU D 21 -12.53 -41.97 9.85
C GLU D 21 -14.09 -41.87 9.82
N GLU D 22 -14.64 -41.02 10.70
CA GLU D 22 -16.10 -40.86 10.88
C GLU D 22 -16.56 -39.76 9.94
N LEU D 23 -17.41 -40.10 8.95
CA LEU D 23 -18.00 -39.13 8.04
C LEU D 23 -18.84 -38.18 8.86
N ILE D 24 -18.63 -36.87 8.74
CA ILE D 24 -19.46 -35.87 9.45
C ILE D 24 -20.45 -35.25 8.49
N SER D 25 -20.05 -34.85 7.30
CA SER D 25 -21.02 -34.43 6.27
C SER D 25 -20.40 -34.43 4.85
N GLU D 26 -21.25 -34.64 3.84
CA GLU D 26 -20.87 -35.10 2.52
C GLU D 26 -21.72 -34.46 1.40
N GLY D 27 -21.24 -33.39 0.74
CA GLY D 27 -21.94 -32.74 -0.38
C GLY D 27 -21.60 -33.35 -1.73
N LYS D 28 -21.87 -32.59 -2.80
CA LYS D 28 -21.66 -33.05 -4.18
C LYS D 28 -20.18 -33.21 -4.53
N TRP D 29 -19.35 -32.25 -4.12
CA TRP D 29 -17.89 -32.24 -4.43
C TRP D 29 -16.91 -32.43 -3.23
N VAL D 30 -17.36 -32.22 -1.99
CA VAL D 30 -16.47 -32.07 -0.81
C VAL D 30 -17.20 -32.68 0.40
N LYS D 31 -16.42 -33.26 1.32
CA LYS D 31 -16.90 -33.94 2.53
C LYS D 31 -15.98 -33.63 3.72
N LEU D 32 -16.52 -33.82 4.91
CA LEU D 32 -15.89 -33.48 6.16
C LEU D 32 -15.90 -34.68 7.10
N GLU D 33 -14.81 -34.92 7.83
CA GLU D 33 -14.63 -36.15 8.63
C GLU D 33 -13.97 -35.86 9.90
N LYS D 34 -14.33 -36.59 10.96
CA LYS D 34 -13.54 -36.66 12.17
C LYS D 34 -12.59 -37.83 11.98
N THR D 35 -11.31 -37.53 12.01
CA THR D 35 -10.25 -38.49 11.85
C THR D 35 -9.70 -38.82 13.24
N THR D 36 -9.64 -40.11 13.58
CA THR D 36 -8.94 -40.53 14.81
C THR D 36 -7.60 -41.17 14.53
N TYR D 37 -6.57 -40.86 15.33
CA TYR D 37 -5.25 -41.39 15.01
C TYR D 37 -4.45 -41.55 16.25
N MET D 38 -3.38 -42.33 16.17
CA MET D 38 -2.46 -42.54 17.24
C MET D 38 -1.21 -41.72 17.06
N ASP D 39 -0.93 -40.83 18.01
CA ASP D 39 0.33 -40.11 18.06
C ASP D 39 1.48 -41.04 18.43
N PRO D 40 2.73 -40.53 18.40
CA PRO D 40 3.85 -41.40 18.76
C PRO D 40 3.96 -41.76 20.26
N THR D 41 3.50 -40.90 21.17
CA THR D 41 3.45 -41.20 22.63
C THR D 41 2.62 -42.44 22.93
N GLY D 42 1.61 -42.73 22.10
CA GLY D 42 0.70 -43.88 22.26
C GLY D 42 -0.75 -43.46 22.51
N LYS D 43 -0.98 -42.17 22.58
CA LYS D 43 -2.32 -41.59 22.79
C LYS D 43 -3.17 -41.37 21.50
N THR D 44 -4.47 -41.65 21.62
CA THR D 44 -5.48 -41.38 20.59
C THR D 44 -5.70 -39.87 20.50
N ARG D 45 -5.90 -39.34 19.29
CA ARG D 45 -6.31 -37.94 19.11
C ARG D 45 -7.23 -37.86 17.92
N THR D 46 -7.96 -36.77 17.79
CA THR D 46 -8.83 -36.58 16.64
C THR D 46 -8.45 -35.34 15.82
N TRP D 47 -9.07 -35.17 14.66
CA TRP D 47 -8.76 -34.11 13.72
C TRP D 47 -9.93 -33.93 12.78
N GLU D 48 -10.25 -32.72 12.37
CA GLU D 48 -11.29 -32.51 11.39
C GLU D 48 -10.60 -32.39 10.04
N SER D 49 -11.04 -33.17 9.06
CA SER D 49 -10.39 -33.31 7.76
C SER D 49 -11.38 -33.17 6.61
N VAL D 50 -10.91 -32.57 5.55
CA VAL D 50 -11.69 -32.27 4.40
C VAL D 50 -11.18 -33.18 3.30
N LYS D 51 -12.08 -33.81 2.54
CA LYS D 51 -11.70 -34.57 1.39
C LYS D 51 -12.66 -34.27 0.25
N ARG D 52 -12.16 -34.38 -0.98
CA ARG D 52 -13.01 -34.34 -2.16
C ARG D 52 -13.62 -35.71 -2.37
N THR D 53 -14.61 -35.80 -3.26
CA THR D 53 -15.26 -37.09 -3.58
C THR D 53 -15.11 -37.47 -5.03
N THR D 54 -13.86 -37.41 -5.51
CA THR D 54 -13.37 -38.16 -6.66
C THR D 54 -11.92 -38.58 -6.41
N ALA D 60 -3.86 -38.58 -8.01
CA ALA D 60 -4.16 -37.28 -7.43
C ALA D 60 -5.51 -36.65 -7.83
N ASP D 61 -5.96 -35.63 -7.11
CA ASP D 61 -7.23 -34.94 -7.50
C ASP D 61 -7.11 -34.07 -8.78
N GLY D 62 -6.03 -33.29 -8.87
CA GLY D 62 -5.84 -32.32 -9.95
C GLY D 62 -4.42 -32.27 -10.54
N VAL D 63 -4.29 -31.36 -11.50
CA VAL D 63 -3.03 -30.94 -12.06
C VAL D 63 -3.01 -29.43 -11.97
N ALA D 64 -1.81 -28.90 -11.78
CA ALA D 64 -1.57 -27.41 -11.97
C ALA D 64 -0.48 -27.36 -12.92
N VAL D 65 -0.51 -26.43 -13.88
CA VAL D 65 0.44 -26.41 -14.92
C VAL D 65 1.28 -25.13 -14.74
N ILE D 66 2.59 -25.27 -14.85
CA ILE D 66 3.54 -24.13 -14.83
C ILE D 66 3.93 -23.96 -16.31
N PRO D 67 3.22 -23.03 -17.01
CA PRO D 67 3.39 -22.86 -18.42
C PRO D 67 4.25 -21.63 -18.71
N VAL D 68 5.38 -21.87 -19.39
CA VAL D 68 6.31 -20.85 -19.83
C VAL D 68 6.30 -20.65 -21.36
N LEU D 69 5.92 -19.47 -21.83
CA LEU D 69 5.97 -19.16 -23.27
C LEU D 69 7.41 -18.80 -23.70
N GLN D 70 8.01 -19.59 -24.60
CA GLN D 70 9.37 -19.34 -25.08
C GLN D 70 9.39 -18.95 -26.57
N ARG D 71 10.07 -17.85 -26.92
CA ARG D 71 10.29 -17.44 -28.33
C ARG D 71 11.79 -17.12 -28.48
N THR D 72 12.43 -17.55 -29.56
CA THR D 72 13.85 -17.22 -29.73
C THR D 72 14.06 -15.72 -29.76
N LEU D 73 15.19 -15.25 -29.23
CA LEU D 73 15.45 -13.82 -29.18
C LEU D 73 14.47 -13.02 -28.32
N HIS D 74 13.74 -13.70 -27.41
CA HIS D 74 12.84 -13.00 -26.50
C HIS D 74 13.01 -13.57 -25.06
N TYR D 75 12.51 -12.83 -24.08
CA TYR D 75 12.53 -13.26 -22.64
C TYR D 75 11.39 -14.29 -22.50
N GLU D 76 11.51 -15.18 -21.52
CA GLU D 76 10.45 -16.16 -21.21
C GLU D 76 9.32 -15.51 -20.42
N CYS D 77 8.11 -16.04 -20.59
CA CYS D 77 6.91 -15.54 -19.89
C CYS D 77 6.20 -16.72 -19.22
N ILE D 78 5.57 -16.46 -18.08
CA ILE D 78 4.89 -17.50 -17.30
C ILE D 78 3.41 -17.19 -17.46
N VAL D 79 2.69 -18.16 -18.01
CA VAL D 79 1.31 -17.93 -18.38
C VAL D 79 0.46 -18.26 -17.16
N LEU D 80 -0.23 -17.30 -16.64
CA LEU D 80 -1.12 -17.51 -15.51
C LEU D 80 -2.54 -17.35 -15.95
N VAL D 81 -3.50 -17.64 -15.05
CA VAL D 81 -4.89 -17.35 -15.36
C VAL D 81 -5.52 -16.70 -14.20
N LYS D 82 -6.52 -15.82 -14.46
CA LYS D 82 -7.36 -15.22 -13.38
C LYS D 82 -8.75 -15.62 -13.60
N GLN D 83 -9.42 -15.82 -12.49
CA GLN D 83 -10.83 -16.22 -12.49
C GLN D 83 -11.40 -16.01 -11.13
N PHE D 84 -12.73 -15.93 -11.07
CA PHE D 84 -13.48 -15.76 -9.86
C PHE D 84 -13.56 -17.11 -9.18
N ARG D 85 -13.26 -17.14 -7.88
CA ARG D 85 -13.24 -18.36 -7.11
C ARG D 85 -14.28 -18.18 -6.00
N PRO D 86 -15.45 -18.84 -6.11
CA PRO D 86 -16.46 -18.72 -5.07
C PRO D 86 -16.03 -18.92 -3.67
N PRO D 87 -15.15 -19.92 -3.41
CA PRO D 87 -14.76 -20.04 -2.02
C PRO D 87 -13.95 -18.78 -1.49
N MET D 88 -13.22 -18.09 -2.35
CA MET D 88 -12.44 -16.90 -1.92
C MET D 88 -13.27 -15.61 -2.03
N GLY D 89 -14.43 -15.69 -2.67
CA GLY D 89 -15.18 -14.48 -2.81
C GLY D 89 -14.54 -13.50 -3.76
N GLY D 90 -13.66 -13.93 -4.68
CA GLY D 90 -13.11 -12.89 -5.54
C GLY D 90 -12.15 -13.52 -6.47
N TYR D 91 -11.47 -12.71 -7.23
CA TYR D 91 -10.72 -13.21 -8.29
C TYR D 91 -9.30 -13.66 -7.75
N CYS D 92 -8.74 -14.73 -8.36
CA CYS D 92 -7.50 -15.28 -7.99
C CYS D 92 -6.67 -15.40 -9.21
N ILE D 93 -5.37 -15.22 -9.02
CA ILE D 93 -4.38 -15.46 -10.07
C ILE D 93 -3.67 -16.76 -9.71
N GLU D 94 -3.79 -17.73 -10.63
CA GLU D 94 -3.27 -19.09 -10.41
C GLU D 94 -2.58 -19.59 -11.59
N PHE D 95 -1.87 -20.72 -11.40
CA PHE D 95 -1.39 -21.47 -12.50
C PHE D 95 -2.66 -22.13 -13.10
N PRO D 96 -2.65 -22.32 -14.41
CA PRO D 96 -3.87 -23.00 -14.97
C PRO D 96 -3.95 -24.41 -14.37
N ALA D 97 -5.17 -24.86 -14.14
CA ALA D 97 -5.34 -26.07 -13.31
C ALA D 97 -6.67 -26.68 -13.58
N GLY D 98 -6.76 -27.98 -13.34
CA GLY D 98 -8.06 -28.64 -13.31
C GLY D 98 -8.00 -30.05 -12.72
N LEU D 99 -9.18 -30.61 -12.46
CA LEU D 99 -9.26 -32.01 -11.99
C LEU D 99 -8.88 -32.98 -13.10
N ILE D 100 -8.27 -34.10 -12.71
CA ILE D 100 -7.91 -35.11 -13.69
C ILE D 100 -9.19 -35.96 -13.93
N ASP D 101 -9.40 -36.28 -15.22
CA ASP D 101 -10.58 -37.04 -15.68
C ASP D 101 -10.29 -38.55 -15.48
N ASP D 102 -11.31 -39.35 -15.19
CA ASP D 102 -11.12 -40.83 -15.13
C ASP D 102 -10.53 -41.31 -16.47
N GLY D 103 -9.44 -42.07 -16.41
CA GLY D 103 -8.79 -42.63 -17.61
C GLY D 103 -7.63 -41.86 -18.19
N GLU D 104 -7.28 -40.74 -17.56
CA GLU D 104 -6.41 -39.72 -18.16
C GLU D 104 -5.19 -39.58 -17.27
N THR D 105 -4.00 -39.61 -17.86
CA THR D 105 -2.75 -39.43 -17.11
C THR D 105 -2.65 -37.95 -16.68
N PRO D 106 -1.83 -37.65 -15.66
CA PRO D 106 -1.50 -36.24 -15.36
C PRO D 106 -0.92 -35.40 -16.53
N GLU D 107 0.03 -35.93 -17.29
CA GLU D 107 0.60 -35.21 -18.43
C GLU D 107 -0.47 -34.83 -19.41
N ALA D 108 -1.44 -35.72 -19.69
CA ALA D 108 -2.40 -35.46 -20.74
C ALA D 108 -3.41 -34.47 -20.17
N ALA D 109 -3.74 -34.63 -18.90
CA ALA D 109 -4.69 -33.67 -18.31
C ALA D 109 -4.06 -32.23 -18.30
N ALA D 110 -2.75 -32.15 -18.12
CA ALA D 110 -2.09 -30.82 -18.01
C ALA D 110 -2.13 -30.19 -19.42
N LEU D 111 -1.70 -30.91 -20.46
CA LEU D 111 -1.78 -30.31 -21.82
C LEU D 111 -3.22 -29.96 -22.20
N ARG D 112 -4.18 -30.76 -21.74
CA ARG D 112 -5.60 -30.46 -22.08
C ARG D 112 -6.08 -29.24 -21.37
N GLU D 113 -5.86 -29.20 -20.07
CA GLU D 113 -6.30 -28.04 -19.27
C GLU D 113 -5.53 -26.74 -19.68
N LEU D 114 -4.27 -26.84 -20.06
CA LEU D 114 -3.52 -25.62 -20.52
C LEU D 114 -4.15 -25.08 -21.84
N GLU D 115 -4.38 -25.99 -22.79
CA GLU D 115 -5.11 -25.62 -24.02
C GLU D 115 -6.53 -25.11 -23.73
N GLU D 116 -7.32 -25.79 -22.89
CA GLU D 116 -8.64 -25.21 -22.54
C GLU D 116 -8.61 -23.85 -21.95
N GLU D 117 -7.70 -23.62 -21.00
CA GLU D 117 -7.77 -22.40 -20.21
C GLU D 117 -6.99 -21.24 -20.85
N THR D 118 -6.04 -21.57 -21.71
CA THR D 118 -5.16 -20.59 -22.33
C THR D 118 -5.11 -20.58 -23.86
N GLY D 119 -5.47 -21.70 -24.48
CA GLY D 119 -5.29 -21.91 -25.93
C GLY D 119 -3.93 -22.41 -26.35
N TYR D 120 -2.92 -22.40 -25.47
CA TYR D 120 -1.62 -22.86 -25.91
C TYR D 120 -1.49 -24.38 -25.96
N LYS D 121 -0.60 -24.86 -26.83
CA LYS D 121 -0.30 -26.24 -27.08
C LYS D 121 1.13 -26.41 -26.61
N GLY D 122 1.25 -27.16 -25.51
CA GLY D 122 2.49 -27.28 -24.80
C GLY D 122 3.26 -28.51 -25.10
N ASP D 123 4.48 -28.56 -24.60
CA ASP D 123 5.30 -29.75 -24.59
C ASP D 123 5.61 -30.06 -23.11
N ILE D 124 5.39 -31.31 -22.68
CA ILE D 124 5.75 -31.69 -21.33
C ILE D 124 7.25 -31.62 -21.06
N ALA D 125 7.62 -30.94 -19.97
CA ALA D 125 9.01 -30.90 -19.50
C ALA D 125 9.22 -31.83 -18.31
N GLU D 126 8.37 -31.73 -17.29
CA GLU D 126 8.47 -32.56 -16.05
C GLU D 126 7.10 -32.68 -15.40
N CYS D 127 6.97 -33.67 -14.51
CA CYS D 127 5.72 -33.90 -13.79
C CYS D 127 6.05 -34.33 -12.37
N SER D 128 5.50 -33.62 -11.39
CA SER D 128 5.76 -33.93 -9.99
C SER D 128 5.02 -35.22 -9.59
N PRO D 129 5.44 -35.83 -8.45
CA PRO D 129 4.57 -36.80 -7.84
C PRO D 129 3.39 -36.04 -7.25
N ALA D 130 2.42 -36.73 -6.68
CA ALA D 130 1.31 -36.08 -6.10
C ALA D 130 1.75 -35.28 -4.85
N VAL D 131 1.35 -33.99 -4.82
CA VAL D 131 1.84 -33.11 -3.77
C VAL D 131 0.61 -32.60 -3.09
N CYS D 132 0.72 -32.29 -1.79
CA CYS D 132 -0.43 -31.96 -0.99
C CYS D 132 -0.71 -30.44 -1.01
N MET D 133 -1.98 -30.12 -1.06
CA MET D 133 -2.47 -28.76 -1.20
C MET D 133 -2.57 -28.02 0.13
N ASP D 134 -3.03 -28.68 1.19
CA ASP D 134 -3.09 -28.07 2.48
C ASP D 134 -3.24 -29.18 3.52
N PRO D 135 -2.11 -29.77 3.97
CA PRO D 135 -2.23 -31.11 4.50
C PRO D 135 -2.73 -31.11 5.91
N GLY D 136 -2.56 -29.99 6.64
CA GLY D 136 -3.21 -29.79 7.91
C GLY D 136 -4.75 -29.65 7.86
N LEU D 137 -5.33 -29.65 6.66
CA LEU D 137 -6.75 -29.48 6.50
C LEU D 137 -7.39 -30.51 5.64
N SER D 138 -6.82 -30.84 4.50
CA SER D 138 -7.49 -31.62 3.49
C SER D 138 -6.53 -32.69 2.98
N ASN D 139 -7.04 -33.70 2.29
CA ASN D 139 -6.17 -34.71 1.69
C ASN D 139 -5.93 -34.35 0.27
N CYS D 140 -6.30 -33.14 -0.16
CA CYS D 140 -6.24 -32.89 -1.60
C CYS D 140 -4.80 -32.82 -2.08
N THR D 141 -4.58 -33.39 -3.26
CA THR D 141 -3.29 -33.41 -3.87
C THR D 141 -3.41 -33.02 -5.36
N ILE D 142 -2.29 -32.63 -5.91
CA ILE D 142 -2.19 -32.43 -7.34
C ILE D 142 -0.87 -32.92 -7.88
N HIS D 143 -0.75 -33.05 -9.21
CA HIS D 143 0.56 -33.12 -9.80
C HIS D 143 0.84 -31.71 -10.34
N ILE D 144 2.05 -31.22 -10.07
CA ILE D 144 2.52 -29.97 -10.74
C ILE D 144 3.24 -30.38 -12.00
N VAL D 145 2.73 -29.90 -13.15
CA VAL D 145 3.29 -30.28 -14.41
C VAL D 145 3.89 -29.05 -15.06
N THR D 146 5.17 -29.09 -15.44
CA THR D 146 5.83 -27.94 -16.04
C THR D 146 5.77 -28.05 -17.56
N VAL D 147 5.10 -27.07 -18.19
CA VAL D 147 4.83 -27.07 -19.64
C VAL D 147 5.59 -25.92 -20.33
N THR D 148 6.12 -26.20 -21.52
CA THR D 148 6.73 -25.17 -22.37
C THR D 148 5.81 -24.89 -23.56
N ILE D 149 5.72 -23.62 -23.93
CA ILE D 149 4.88 -23.21 -25.04
C ILE D 149 5.84 -22.68 -26.09
N ASN D 150 5.95 -23.42 -27.21
CA ASN D 150 6.87 -23.07 -28.31
C ASN D 150 6.20 -21.97 -29.08
N GLY D 151 6.52 -20.73 -28.71
CA GLY D 151 5.79 -19.59 -29.22
C GLY D 151 6.18 -19.18 -30.64
N ASP D 152 7.26 -19.74 -31.18
CA ASP D 152 7.60 -19.62 -32.62
C ASP D 152 6.89 -20.67 -33.52
N ASP D 153 5.98 -21.44 -32.92
CA ASP D 153 5.09 -22.30 -33.71
C ASP D 153 3.81 -21.52 -33.98
N ALA D 154 3.36 -21.71 -35.22
CA ALA D 154 2.17 -21.07 -35.75
C ALA D 154 0.92 -21.32 -34.85
N GLU D 155 0.76 -22.56 -34.39
CA GLU D 155 -0.39 -22.95 -33.57
C GLU D 155 -0.44 -22.17 -32.26
N ASN D 156 0.72 -21.71 -31.80
CA ASN D 156 0.85 -20.82 -30.62
C ASN D 156 0.98 -19.33 -30.94
N ALA D 157 0.80 -18.94 -32.21
CA ALA D 157 0.95 -17.52 -32.60
C ALA D 157 0.05 -16.57 -31.78
N ARG D 158 -1.25 -16.79 -31.85
CA ARG D 158 -2.21 -15.99 -31.07
C ARG D 158 -3.45 -16.83 -30.76
N PRO D 159 -3.25 -17.96 -30.03
CA PRO D 159 -4.37 -18.85 -29.71
C PRO D 159 -5.30 -18.22 -28.67
N LYS D 160 -6.54 -18.72 -28.59
CA LYS D 160 -7.56 -18.29 -27.59
C LYS D 160 -8.18 -19.51 -26.85
N PRO D 161 -8.72 -19.29 -25.64
CA PRO D 161 -9.15 -20.45 -24.82
C PRO D 161 -10.28 -21.26 -25.46
N LYS D 162 -10.61 -22.42 -24.89
CA LYS D 162 -11.92 -23.08 -25.10
C LYS D 162 -12.50 -23.47 -23.71
N PRO D 163 -13.17 -22.53 -23.06
CA PRO D 163 -13.78 -22.88 -21.78
C PRO D 163 -14.96 -23.86 -21.91
N GLY D 164 -15.08 -24.77 -20.93
CA GLY D 164 -16.34 -25.46 -20.66
C GLY D 164 -17.38 -24.49 -20.12
N ASP D 165 -18.59 -25.00 -19.84
CA ASP D 165 -19.71 -24.15 -19.40
C ASP D 165 -19.40 -23.84 -17.97
N GLY D 166 -19.79 -22.67 -17.51
CA GLY D 166 -19.40 -22.19 -16.19
C GLY D 166 -17.92 -21.89 -15.95
N GLU D 167 -17.05 -21.99 -16.96
CA GLU D 167 -15.60 -21.68 -16.86
C GLU D 167 -15.33 -20.36 -17.55
N PHE D 168 -14.81 -19.38 -16.80
CA PHE D 168 -14.58 -18.01 -17.30
C PHE D 168 -13.19 -17.56 -16.82
N VAL D 169 -12.23 -17.56 -17.74
CA VAL D 169 -10.82 -17.42 -17.38
C VAL D 169 -10.14 -16.41 -18.29
N GLU D 170 -9.42 -15.44 -17.68
CA GLU D 170 -8.51 -14.52 -18.40
C GLU D 170 -7.07 -15.02 -18.35
N VAL D 171 -6.37 -14.96 -19.45
CA VAL D 171 -4.95 -15.35 -19.51
C VAL D 171 -4.13 -14.12 -19.05
N ILE D 172 -3.10 -14.34 -18.25
CA ILE D 172 -2.20 -13.24 -17.78
C ILE D 172 -0.82 -13.76 -17.99
N SER D 173 -0.16 -13.24 -19.00
CA SER D 173 1.19 -13.70 -19.30
C SER D 173 2.15 -12.65 -18.64
N LEU D 174 3.04 -13.11 -17.75
CA LEU D 174 4.00 -12.20 -17.04
C LEU D 174 5.42 -12.61 -17.31
N PRO D 175 6.30 -11.62 -17.39
CA PRO D 175 7.69 -11.98 -17.61
C PRO D 175 8.16 -12.81 -16.42
N LYS D 176 8.78 -13.91 -16.73
CA LYS D 176 9.42 -14.75 -15.79
C LYS D 176 10.46 -13.92 -14.90
N ASN D 177 11.22 -13.07 -15.59
CA ASN D 177 12.30 -12.29 -15.02
C ASN D 177 11.86 -11.24 -14.00
N ASP D 178 10.60 -10.92 -13.91
CA ASP D 178 10.16 -10.00 -12.93
C ASP D 178 8.89 -10.42 -12.32
N LEU D 179 8.68 -11.75 -12.24
CA LEU D 179 7.39 -12.26 -11.73
C LEU D 179 6.90 -11.80 -10.39
N LEU D 180 7.79 -11.86 -9.38
CA LEU D 180 7.41 -11.53 -8.07
C LEU D 180 6.98 -10.07 -7.98
N GLN D 181 7.75 -9.18 -8.64
CA GLN D 181 7.42 -7.72 -8.55
C GLN D 181 6.03 -7.49 -9.20
N ARG D 182 5.84 -8.09 -10.35
CA ARG D 182 4.59 -7.94 -11.09
C ARG D 182 3.44 -8.46 -10.33
N LEU D 183 3.59 -9.60 -9.66
CA LEU D 183 2.59 -10.05 -8.74
C LEU D 183 2.31 -9.14 -7.63
N ASP D 184 3.34 -8.65 -6.95
CA ASP D 184 3.07 -7.72 -5.82
C ASP D 184 2.32 -6.45 -6.29
N ALA D 185 2.62 -5.99 -7.50
CA ALA D 185 2.04 -4.77 -8.05
C ALA D 185 0.57 -5.00 -8.38
N LEU D 186 0.22 -6.20 -8.91
CA LEU D 186 -1.19 -6.54 -9.10
C LEU D 186 -1.97 -6.49 -7.79
N VAL D 187 -1.34 -6.99 -6.76
CA VAL D 187 -1.96 -7.08 -5.47
C VAL D 187 -2.08 -5.71 -4.84
N ALA D 188 -1.18 -4.76 -5.21
CA ALA D 188 -1.20 -3.47 -4.58
C ALA D 188 -2.38 -2.62 -5.14
N GLU D 189 -2.77 -2.98 -6.35
CA GLU D 189 -3.71 -2.18 -7.11
C GLU D 189 -5.07 -2.78 -7.39
N GLU D 190 -5.20 -4.10 -7.43
CA GLU D 190 -6.44 -4.78 -7.88
C GLU D 190 -6.96 -5.72 -6.80
N HIS D 191 -8.28 -5.90 -6.80
CA HIS D 191 -9.03 -6.65 -5.79
C HIS D 191 -8.80 -8.06 -6.30
N LEU D 192 -7.73 -8.68 -5.83
CA LEU D 192 -7.49 -10.07 -6.26
C LEU D 192 -6.48 -10.69 -5.36
N THR D 193 -6.36 -12.03 -5.43
CA THR D 193 -5.43 -12.80 -4.57
C THR D 193 -4.55 -13.67 -5.44
N VAL D 194 -3.28 -13.77 -5.05
CA VAL D 194 -2.36 -14.56 -5.80
C VAL D 194 -2.35 -15.87 -5.08
N ASP D 195 -2.12 -16.91 -5.83
CA ASP D 195 -2.11 -18.25 -5.26
C ASP D 195 -0.76 -18.45 -4.59
N ALA D 196 -0.78 -19.22 -3.52
CA ALA D 196 0.43 -19.52 -2.73
C ALA D 196 1.49 -20.30 -3.47
N ARG D 197 1.08 -21.18 -4.39
N ARG D 197 1.07 -21.22 -4.37
CA ARG D 197 2.04 -21.89 -5.23
CA ARG D 197 2.02 -21.92 -5.26
C ARG D 197 2.67 -20.99 -6.28
C ARG D 197 2.69 -20.95 -6.23
N VAL D 198 1.91 -20.03 -6.80
CA VAL D 198 2.45 -19.05 -7.78
C VAL D 198 3.49 -18.14 -7.08
N TYR D 199 3.14 -17.73 -5.90
CA TYR D 199 3.94 -16.82 -5.15
C TYR D 199 5.22 -17.52 -4.65
N SER D 200 5.12 -18.78 -4.24
CA SER D 200 6.31 -19.55 -3.84
C SER D 200 7.18 -19.73 -5.02
N TYR D 201 6.60 -20.00 -6.21
CA TYR D 201 7.37 -20.07 -7.45
C TYR D 201 8.14 -18.75 -7.71
N ALA D 202 7.42 -17.66 -7.59
CA ALA D 202 7.96 -16.35 -7.93
C ALA D 202 9.10 -15.95 -6.90
N LEU D 203 8.87 -16.23 -5.62
CA LEU D 203 9.91 -16.09 -4.57
C LEU D 203 11.21 -16.81 -4.90
N ALA D 204 11.09 -18.09 -5.23
CA ALA D 204 12.26 -18.87 -5.63
C ALA D 204 13.00 -18.40 -6.86
N LEU D 205 12.31 -17.76 -7.81
CA LEU D 205 13.08 -17.18 -8.97
C LEU D 205 14.04 -16.08 -8.49
N LYS D 206 13.67 -15.41 -7.41
CA LYS D 206 14.54 -14.43 -6.83
C LYS D 206 15.55 -15.03 -5.91
N HIS D 207 15.14 -16.04 -5.12
CA HIS D 207 16.07 -16.68 -4.18
C HIS D 207 17.17 -17.54 -4.76
N ALA D 208 16.93 -18.09 -5.95
CA ALA D 208 17.92 -18.91 -6.64
C ALA D 208 19.28 -18.26 -6.75
N ASN D 209 20.29 -19.10 -6.66
CA ASN D 209 21.67 -18.70 -6.81
C ASN D 209 22.00 -17.64 -5.75
MG MG E . -0.75 23.40 -12.46
MG MG F . -2.26 23.93 -15.48
C1 EDO G . -1.49 30.12 -5.06
O1 EDO G . -0.13 30.54 -4.81
C2 EDO G . -1.41 28.80 -5.79
O2 EDO G . -1.05 27.78 -4.84
C1 EDO H . -2.70 8.82 26.69
O1 EDO H . -1.61 9.72 26.66
C2 EDO H . -3.48 9.16 27.98
O2 EDO H . -4.07 10.50 27.90
MG MG I . 3.99 30.45 14.62
MG MG J . 6.94 31.22 17.08
C10 GQJ K . -2.21 10.13 15.49
C13 GQJ K . -1.27 13.70 15.64
C01 GQJ K . -2.72 5.07 16.41
C03 GQJ K . -2.03 7.44 17.11
C04 GQJ K . -1.47 7.76 15.71
C05 GQJ K . -0.11 7.03 15.52
C06 GQJ K . 0.98 8.12 15.43
C08 GQJ K . 0.28 9.46 15.76
C11 GQJ K . -1.91 11.55 15.48
C12 GQJ K . -0.92 12.34 15.99
C14 GQJ K . -2.43 13.63 14.96
N09 GQJ K . -1.17 9.20 15.62
O02 GQJ K . -2.59 6.17 17.34
O07 GQJ K . 1.52 8.24 14.14
O15 GQJ K . -2.85 12.33 14.83
O16 GQJ K . -3.34 9.76 15.43
O17 GQJ K . -2.00 8.23 18.04
C1 EDO L . 7.53 28.69 5.35
O1 EDO L . 7.08 29.83 4.60
C2 EDO L . 6.75 28.53 6.65
O2 EDO L . 5.41 28.11 6.38
C1 EDO M . 21.86 -14.29 14.92
O1 EDO M . 21.00 -15.46 15.06
C2 EDO M . 21.40 -13.32 13.83
O2 EDO M . 20.45 -12.42 14.39
MG MG N . 3.01 -25.07 14.95
MG MG O . 2.83 -26.32 12.17
C1 EDO P . -4.40 -22.57 6.25
O1 EDO P . -5.17 -23.72 5.86
C2 EDO P . -3.10 -23.03 6.91
O2 EDO P . -2.34 -23.73 5.92
MG MG Q . -9.31 -24.59 -14.01
MG MG R . -10.36 -26.38 -14.68
C10 GQJ S . 11.92 -24.30 -17.75
C13 GQJ S . 8.30 -24.36 -17.14
C01 GQJ S . 16.68 -24.90 -19.27
C03 GQJ S . 14.22 -25.08 -19.84
C04 GQJ S . 13.90 -25.71 -18.44
C05 GQJ S . 14.15 -27.25 -18.47
C06 GQJ S . 12.85 -27.92 -17.92
C08 GQJ S . 11.75 -26.86 -18.13
C11 GQJ S . 10.52 -24.23 -17.45
C12 GQJ S . 9.39 -24.92 -17.86
C14 GQJ S . 8.84 -23.36 -16.35
N09 GQJ S . 12.47 -25.55 -18.07
O02 GQJ S . 15.53 -24.74 -20.13
O07 GQJ S . 12.87 -28.16 -16.53
O15 GQJ S . 10.19 -23.26 -16.53
O16 GQJ S . 12.60 -23.29 -17.72
O17 GQJ S . 13.40 -24.84 -20.72
C1 EDO T . -6.98 -28.93 -6.60
O1 EDO T . -6.22 -27.83 -6.10
C2 EDO T . -7.21 -29.93 -5.45
O2 EDO T . -8.03 -29.39 -4.42
#